data_4OQD
#
_entry.id   4OQD
#
_cell.length_a   73.532
_cell.length_b   92.050
_cell.length_c   80.177
_cell.angle_alpha   90.00
_cell.angle_beta   106.10
_cell.angle_gamma   90.00
#
_symmetry.space_group_name_H-M   'P 1 21 1'
#
loop_
_entity.id
_entity.type
_entity.pdbx_description
1 polymer 'dTDP-3-amino-3,6-dideoxy-alpha-D-glucopyranose N,N-dimethyltransferase'
2 non-polymer S-ADENOSYL-L-HOMOCYSTEINE
3 non-polymer TDP-3,6-dideoxy-3-N,N-dimethylglucose
4 water water
#
_entity_poly.entity_id   1
_entity_poly.type   'polypeptide(L)'
_entity_poly.pdbx_seq_one_letter_code
;MAHSSATAGPQADYSGEIAELYDLVHQGKGKDYHREAADLAALVRRHSPKAASLLDVACGTGMHLRHLADSFGTVEGLEL
SADMLAIARRRNPDAVLHHGDMRDFSLGRRFSAVTCMFSSIGHLAGQAELDAALERFAAHVLPDGVVVVEPWWFPENFTP
GYVAAGTVEAGGTTVTRVSHSSREGEATRIEVHYLVAGPDRGITHHEESHRITLFTREQYERAFTAAGLSVEFMPGGPSG
RGLFTGLPGAKGETRLEHHHHHH
;
_entity_poly.pdbx_strand_id   A,B,C,D
#
# COMPACT_ATOMS: atom_id res chain seq x y z
N ALA A 12 5.10 7.02 22.51
CA ALA A 12 5.84 6.44 23.67
C ALA A 12 5.56 4.96 23.69
N ASP A 13 6.58 4.17 23.97
CA ASP A 13 6.33 2.74 24.01
C ASP A 13 5.43 2.41 25.21
N TYR A 14 4.71 1.30 25.03
CA TYR A 14 3.67 0.84 25.94
C TYR A 14 2.76 1.93 26.50
N SER A 15 2.22 2.75 25.61
CA SER A 15 1.38 3.88 26.02
C SER A 15 0.03 3.92 25.33
N GLY A 16 -0.82 4.82 25.80
CA GLY A 16 -2.07 5.08 25.12
C GLY A 16 -2.90 3.84 24.96
N GLU A 17 -3.49 3.68 23.78
CA GLU A 17 -4.45 2.61 23.56
C GLU A 17 -3.78 1.24 23.58
N ILE A 18 -2.52 1.19 23.20
CA ILE A 18 -1.72 -0.02 23.23
C ILE A 18 -1.63 -0.55 24.67
N ALA A 19 -1.27 0.29 25.63
CA ALA A 19 -1.27 -0.02 27.05
C ALA A 19 -2.62 -0.53 27.52
N GLU A 20 -3.70 0.13 27.08
CA GLU A 20 -5.07 -0.24 27.42
C GLU A 20 -5.49 -1.62 26.89
N LEU A 21 -4.87 -2.04 25.79
CA LEU A 21 -5.19 -3.33 25.16
C LEU A 21 -4.36 -4.48 25.69
N TYR A 22 -3.27 -4.18 26.39
CA TYR A 22 -2.20 -5.13 26.73
C TYR A 22 -2.78 -6.35 27.45
N ASP A 23 -3.58 -6.05 28.46
CA ASP A 23 -4.04 -7.19 29.29
C ASP A 23 -4.99 -8.13 28.52
N LEU A 24 -5.91 -7.52 27.78
CA LEU A 24 -6.87 -8.30 27.00
C LEU A 24 -6.16 -9.16 25.95
N VAL A 25 -5.24 -8.57 25.18
CA VAL A 25 -4.54 -9.38 24.19
C VAL A 25 -3.70 -10.50 24.77
N HIS A 26 -3.02 -10.27 25.88
CA HIS A 26 -2.19 -11.37 26.42
C HIS A 26 -3.10 -12.41 27.09
N GLN A 27 -4.24 -12.01 27.61
CA GLN A 27 -5.22 -13.01 28.11
C GLN A 27 -5.74 -13.86 26.94
N GLY A 28 -6.09 -13.19 25.85
CA GLY A 28 -6.52 -13.90 24.66
C GLY A 28 -5.51 -14.93 24.16
N LYS A 29 -4.23 -14.64 24.30
CA LYS A 29 -3.13 -15.49 23.84
C LYS A 29 -2.86 -16.61 24.83
N GLY A 30 -3.65 -16.67 25.88
CA GLY A 30 -3.51 -17.76 26.84
C GLY A 30 -2.54 -17.55 27.98
N LYS A 31 -2.01 -16.34 28.16
CA LYS A 31 -1.03 -16.12 29.21
C LYS A 31 -1.69 -16.19 30.58
N ASP A 32 -1.17 -17.11 31.41
CA ASP A 32 -1.78 -17.42 32.70
C ASP A 32 -0.95 -16.87 33.84
N TYR A 33 -1.29 -15.68 34.30
CA TYR A 33 -0.44 -14.99 35.25
C TYR A 33 -0.62 -15.60 36.63
N HIS A 34 -1.78 -16.22 36.85
CA HIS A 34 -2.05 -16.87 38.15
C HIS A 34 -1.08 -18.03 38.31
N ARG A 35 -0.94 -18.85 37.29
CA ARG A 35 -0.04 -20.02 37.39
C ARG A 35 1.40 -19.57 37.38
N GLU A 36 1.73 -18.58 36.56
CA GLU A 36 3.13 -18.15 36.58
C GLU A 36 3.53 -17.62 37.95
N ALA A 37 2.67 -16.84 38.60
CA ALA A 37 2.91 -16.21 39.89
C ALA A 37 3.06 -17.33 40.95
N ALA A 38 2.22 -18.36 40.80
CA ALA A 38 2.41 -19.44 41.77
C ALA A 38 3.74 -20.16 41.62
N ASP A 39 4.16 -20.43 40.38
CA ASP A 39 5.42 -21.09 40.08
C ASP A 39 6.58 -20.24 40.56
N LEU A 40 6.47 -18.94 40.29
CA LEU A 40 7.49 -17.99 40.73
C LEU A 40 7.63 -17.95 42.25
N ALA A 41 6.53 -17.97 42.96
CA ALA A 41 6.51 -17.90 44.40
C ALA A 41 7.17 -19.17 44.92
N ALA A 42 6.89 -20.30 44.29
CA ALA A 42 7.49 -21.55 44.77
C ALA A 42 8.98 -21.64 44.56
N LEU A 43 9.44 -21.09 43.44
CA LEU A 43 10.84 -21.05 43.08
C LEU A 43 11.55 -20.14 44.09
N VAL A 44 10.97 -18.98 44.37
CA VAL A 44 11.53 -18.09 45.36
C VAL A 44 11.68 -18.74 46.73
N ARG A 45 10.60 -19.41 47.17
CA ARG A 45 10.59 -19.96 48.51
C ARG A 45 11.46 -21.19 48.68
N ARG A 46 11.74 -21.85 47.57
CA ARG A 46 12.72 -22.95 47.56
C ARG A 46 14.10 -22.40 47.86
N HIS A 47 14.48 -21.26 47.28
CA HIS A 47 15.75 -20.65 47.60
C HIS A 47 15.80 -19.87 48.90
N SER A 48 14.67 -19.27 49.31
CA SER A 48 14.52 -18.44 50.51
C SER A 48 13.23 -18.79 51.22
N PRO A 49 13.28 -19.77 52.14
CA PRO A 49 12.02 -20.21 52.74
C PRO A 49 11.30 -19.21 53.63
N LYS A 50 12.00 -18.21 54.15
CA LYS A 50 11.34 -17.17 54.91
C LYS A 50 11.08 -15.91 54.09
N ALA A 51 11.14 -16.03 52.77
CA ALA A 51 10.84 -14.90 51.88
C ALA A 51 9.57 -14.20 52.26
N ALA A 52 9.59 -12.88 52.37
CA ALA A 52 8.41 -12.10 52.73
C ALA A 52 8.16 -10.89 51.82
N SER A 53 9.11 -10.60 50.93
CA SER A 53 8.97 -9.46 50.02
C SER A 53 9.50 -9.72 48.61
N LEU A 54 8.94 -8.95 47.67
CA LEU A 54 9.27 -9.08 46.25
C LEU A 54 9.12 -7.76 45.50
N LEU A 55 10.14 -7.48 44.70
CA LEU A 55 10.14 -6.41 43.71
C LEU A 55 10.08 -6.94 42.28
N ASP A 56 9.03 -6.54 41.56
CA ASP A 56 8.82 -6.87 40.16
C ASP A 56 9.24 -5.65 39.32
N VAL A 57 10.33 -5.88 38.63
CA VAL A 57 10.94 -4.83 37.78
C VAL A 57 10.32 -4.96 36.39
N ALA A 58 10.01 -3.81 35.75
CA ALA A 58 9.25 -3.86 34.51
C ALA A 58 7.91 -4.55 34.72
N CYS A 59 7.21 -4.09 35.76
CA CYS A 59 5.96 -4.72 36.20
C CYS A 59 4.78 -4.52 35.25
N GLY A 60 4.90 -3.59 34.29
CA GLY A 60 3.82 -3.41 33.34
C GLY A 60 2.51 -2.99 33.95
N THR A 61 1.45 -3.76 33.64
CA THR A 61 0.13 -3.53 34.22
C THR A 61 -0.11 -4.23 35.57
N GLY A 62 0.91 -4.88 36.10
CA GLY A 62 0.93 -5.32 37.48
C GLY A 62 0.14 -6.60 37.67
N MET A 63 0.03 -7.37 36.59
CA MET A 63 -0.70 -8.65 36.66
C MET A 63 0.01 -9.69 37.55
N HIS A 64 1.31 -9.92 37.38
CA HIS A 64 2.01 -10.75 38.35
C HIS A 64 1.87 -10.26 39.80
N LEU A 65 2.10 -8.97 40.01
CA LEU A 65 2.05 -8.46 41.37
C LEU A 65 0.70 -8.74 42.04
N ARG A 66 -0.39 -8.65 41.29
CA ARG A 66 -1.75 -8.82 41.82
C ARG A 66 -1.78 -10.20 42.47
N HIS A 67 -1.31 -11.22 41.76
CA HIS A 67 -1.28 -12.56 42.33
C HIS A 67 -0.19 -12.82 43.33
N LEU A 68 0.98 -12.20 43.14
CA LEU A 68 2.07 -12.41 44.09
C LEU A 68 1.77 -11.82 45.47
N ALA A 69 0.95 -10.78 45.54
CA ALA A 69 0.55 -10.17 46.80
C ALA A 69 -0.18 -11.18 47.71
N ASP A 70 -0.75 -12.22 47.13
CA ASP A 70 -1.40 -13.22 47.96
C ASP A 70 -0.37 -14.19 48.52
N SER A 71 0.88 -14.17 48.03
CA SER A 71 1.92 -15.08 48.52
C SER A 71 2.99 -14.39 49.37
N PHE A 72 3.20 -13.09 49.17
CA PHE A 72 4.24 -12.32 49.85
C PHE A 72 3.63 -11.13 50.57
N GLY A 73 4.10 -10.86 51.78
CA GLY A 73 3.59 -9.76 52.62
C GLY A 73 3.85 -8.38 52.08
N THR A 74 4.89 -8.24 51.27
CA THR A 74 5.19 -6.94 50.68
C THR A 74 5.50 -7.18 49.19
N VAL A 75 4.80 -6.48 48.30
CA VAL A 75 5.20 -6.51 46.89
C VAL A 75 5.30 -5.07 46.40
N GLU A 76 6.35 -4.79 45.64
CA GLU A 76 6.52 -3.48 45.04
C GLU A 76 6.85 -3.69 43.56
N GLY A 77 6.83 -2.61 42.77
CA GLY A 77 7.11 -2.74 41.36
C GLY A 77 7.81 -1.49 40.85
N LEU A 78 8.50 -1.69 39.75
CA LEU A 78 9.21 -0.59 39.04
C LEU A 78 8.77 -0.63 37.58
N GLU A 79 8.41 0.52 36.98
CA GLU A 79 7.89 0.47 35.62
C GLU A 79 8.29 1.82 34.99
N LEU A 80 8.78 1.75 33.78
CA LEU A 80 9.24 2.99 33.07
C LEU A 80 8.08 3.73 32.43
N SER A 81 7.11 3.00 31.92
CA SER A 81 5.94 3.58 31.28
C SER A 81 4.84 4.06 32.21
N ALA A 82 4.62 5.36 32.22
CA ALA A 82 3.53 5.93 32.98
C ALA A 82 2.15 5.30 32.78
N ASP A 83 1.81 5.02 31.51
CA ASP A 83 0.48 4.57 31.12
C ASP A 83 0.35 3.13 31.59
N MET A 84 1.44 2.40 31.49
CA MET A 84 1.35 1.03 32.12
C MET A 84 1.21 1.05 33.63
N LEU A 85 2.05 1.86 34.25
CA LEU A 85 2.07 2.07 35.67
C LEU A 85 0.70 2.48 36.23
N ALA A 86 -0.03 3.33 35.50
CA ALA A 86 -1.33 3.78 35.96
C ALA A 86 -2.28 2.60 36.08
N ILE A 87 -2.14 1.66 35.14
CA ILE A 87 -2.97 0.45 35.15
C ILE A 87 -2.61 -0.43 36.33
N ALA A 88 -1.32 -0.64 36.51
CA ALA A 88 -0.80 -1.42 37.61
C ALA A 88 -1.24 -0.89 38.98
N ARG A 89 -1.25 0.43 39.14
CA ARG A 89 -1.65 1.05 40.41
C ARG A 89 -3.11 0.84 40.73
N ARG A 90 -3.93 0.89 39.69
CA ARG A 90 -5.36 0.71 39.81
C ARG A 90 -5.64 -0.75 40.15
N ARG A 91 -4.84 -1.63 39.58
CA ARG A 91 -4.97 -3.04 39.93
C ARG A 91 -4.38 -3.39 41.29
N ASN A 92 -3.38 -2.66 41.76
CA ASN A 92 -2.68 -2.91 43.02
C ASN A 92 -2.67 -1.66 43.89
N PRO A 93 -3.87 -1.25 44.35
CA PRO A 93 -3.96 0.07 44.97
C PRO A 93 -3.33 0.04 46.36
N ASP A 94 -3.15 -1.11 46.99
CA ASP A 94 -2.41 -1.09 48.24
C ASP A 94 -0.88 -1.13 48.13
N ALA A 95 -0.33 -1.30 46.93
CA ALA A 95 1.10 -1.57 46.78
C ALA A 95 1.89 -0.33 46.39
N VAL A 96 3.15 -0.29 46.79
CA VAL A 96 4.00 0.82 46.37
C VAL A 96 4.64 0.45 45.05
N LEU A 97 4.25 1.18 44.00
CA LEU A 97 4.83 1.01 42.67
C LEU A 97 5.57 2.29 42.32
N HIS A 98 6.76 2.11 41.76
CA HIS A 98 7.67 3.20 41.43
C HIS A 98 7.75 3.44 39.93
N HIS A 99 7.75 4.71 39.53
CA HIS A 99 8.01 5.08 38.16
C HIS A 99 9.49 5.26 37.99
N GLY A 100 10.14 4.45 37.17
CA GLY A 100 11.57 4.40 37.06
C GLY A 100 12.11 3.40 36.07
N ASP A 101 13.43 3.29 36.07
CA ASP A 101 14.20 2.64 35.03
C ASP A 101 15.10 1.57 35.62
N MET A 102 14.97 0.34 35.09
CA MET A 102 15.72 -0.80 35.60
C MET A 102 17.23 -0.63 35.50
N ARG A 103 17.69 0.31 34.67
CA ARG A 103 19.11 0.50 34.45
C ARG A 103 19.77 1.33 35.57
N ASP A 104 18.97 2.08 36.31
CA ASP A 104 19.42 3.02 37.34
C ASP A 104 18.23 3.44 38.15
N PHE A 105 17.99 2.65 39.20
CA PHE A 105 17.00 2.98 40.19
C PHE A 105 17.63 2.64 41.53
N SER A 106 17.03 3.19 42.57
CA SER A 106 17.50 3.04 43.92
C SER A 106 16.36 3.27 44.89
N LEU A 107 15.86 2.19 45.48
CA LEU A 107 14.68 2.26 46.30
C LEU A 107 15.01 2.40 47.80
N GLY A 108 16.25 2.15 48.18
CA GLY A 108 16.68 2.34 49.56
C GLY A 108 16.17 1.20 50.42
N ARG A 109 15.78 0.08 49.81
CA ARG A 109 15.48 -1.12 50.59
C ARG A 109 15.73 -2.35 49.75
N ARG A 110 15.65 -3.52 50.39
CA ARG A 110 15.94 -4.78 49.71
C ARG A 110 14.75 -5.73 49.85
N PHE A 111 14.74 -6.78 49.03
CA PHE A 111 13.59 -7.66 48.90
C PHE A 111 14.10 -9.08 48.86
N SER A 112 13.25 -10.03 49.27
CA SER A 112 13.63 -11.39 49.12
C SER A 112 13.78 -11.87 47.68
N ALA A 113 13.05 -11.25 46.75
CA ALA A 113 13.11 -11.56 45.33
C ALA A 113 13.07 -10.24 44.53
N VAL A 114 13.86 -10.25 43.49
CA VAL A 114 13.80 -9.25 42.44
C VAL A 114 13.57 -10.01 41.14
N THR A 115 12.42 -9.74 40.54
CA THR A 115 11.97 -10.44 39.35
C THR A 115 11.84 -9.51 38.15
N CYS A 116 12.02 -10.06 36.95
CA CYS A 116 11.86 -9.29 35.71
C CYS A 116 11.35 -10.26 34.66
N MET A 117 10.08 -10.11 34.33
CA MET A 117 9.35 -11.18 33.65
C MET A 117 9.00 -10.82 32.21
N PHE A 118 8.74 -11.89 31.46
CA PHE A 118 8.17 -11.82 30.10
C PHE A 118 9.17 -11.08 29.15
N SER A 119 10.48 -11.25 29.35
CA SER A 119 11.51 -10.88 28.36
C SER A 119 11.61 -9.36 28.35
N SER A 120 11.13 -8.76 29.41
CA SER A 120 11.28 -7.29 29.55
C SER A 120 12.74 -6.86 29.50
N ILE A 121 13.63 -7.74 29.93
CA ILE A 121 15.10 -7.53 29.92
C ILE A 121 15.62 -7.28 28.50
N GLY A 122 14.87 -7.69 27.47
CA GLY A 122 15.20 -7.54 26.08
C GLY A 122 15.13 -6.08 25.68
N HIS A 123 14.47 -5.27 26.47
CA HIS A 123 14.38 -3.82 26.19
C HIS A 123 15.68 -3.10 26.51
N LEU A 124 16.66 -3.83 27.04
CA LEU A 124 18.03 -3.28 27.22
C LEU A 124 18.85 -3.53 25.96
N ALA A 125 19.93 -2.76 25.74
CA ALA A 125 20.71 -2.86 24.53
C ALA A 125 22.16 -2.90 25.02
N GLY A 126 22.89 -3.92 24.59
CA GLY A 126 24.27 -4.06 24.98
C GLY A 126 24.51 -4.79 26.30
N GLN A 127 25.70 -5.38 26.33
CA GLN A 127 26.23 -5.95 27.57
C GLN A 127 26.33 -4.97 28.73
N ALA A 128 26.75 -3.72 28.48
CA ALA A 128 26.85 -2.80 29.56
C ALA A 128 25.52 -2.47 30.27
N GLU A 129 24.45 -2.25 29.51
CA GLU A 129 23.14 -1.96 30.09
C GLU A 129 22.67 -3.25 30.83
N LEU A 130 22.92 -4.39 30.23
CA LEU A 130 22.49 -5.63 30.89
C LEU A 130 23.19 -5.83 32.25
N ASP A 131 24.51 -5.66 32.25
CA ASP A 131 25.32 -5.62 33.47
C ASP A 131 24.73 -4.63 34.46
N ALA A 132 24.50 -3.39 34.04
CA ALA A 132 23.96 -2.41 34.94
C ALA A 132 22.67 -2.75 35.66
N ALA A 133 21.72 -3.26 34.88
CA ALA A 133 20.46 -3.73 35.39
C ALA A 133 20.69 -4.84 36.42
N LEU A 134 21.49 -5.83 36.07
CA LEU A 134 21.70 -6.93 36.99
C LEU A 134 22.39 -6.48 38.30
N GLU A 135 23.29 -5.49 38.19
CA GLU A 135 23.86 -4.89 39.39
C GLU A 135 22.81 -4.21 40.25
N ARG A 136 21.88 -3.50 39.61
CA ARG A 136 20.78 -2.89 40.33
C ARG A 136 19.91 -3.96 41.02
N PHE A 137 19.75 -5.09 40.34
CA PHE A 137 18.90 -6.12 40.91
C PHE A 137 19.62 -6.67 42.13
N ALA A 138 20.90 -6.98 42.01
CA ALA A 138 21.72 -7.41 43.14
C ALA A 138 21.68 -6.38 44.28
N ALA A 139 21.67 -5.09 43.95
CA ALA A 139 21.61 -4.10 44.98
C ALA A 139 20.28 -4.01 45.74
N HIS A 140 19.24 -4.72 45.30
CA HIS A 140 17.92 -4.68 45.88
C HIS A 140 17.49 -6.03 46.39
N VAL A 141 18.38 -7.00 46.32
CA VAL A 141 18.06 -8.36 46.87
C VAL A 141 18.70 -8.63 48.22
N LEU A 142 17.97 -9.36 49.06
CA LEU A 142 18.46 -9.73 50.38
C LEU A 142 19.49 -10.86 50.22
N PRO A 143 20.33 -11.06 51.25
CA PRO A 143 21.50 -11.91 51.02
C PRO A 143 21.08 -13.37 50.97
N ASP A 144 19.88 -13.65 51.44
CA ASP A 144 19.32 -14.99 51.42
C ASP A 144 18.36 -15.19 50.23
N GLY A 145 18.27 -14.19 49.36
CA GLY A 145 17.18 -14.15 48.38
C GLY A 145 17.61 -14.51 46.97
N VAL A 146 16.80 -14.12 45.99
CA VAL A 146 16.98 -14.57 44.62
C VAL A 146 16.53 -13.51 43.59
N VAL A 147 17.35 -13.43 42.57
CA VAL A 147 17.06 -12.57 41.41
C VAL A 147 16.55 -13.52 40.33
N VAL A 148 15.41 -13.22 39.73
CA VAL A 148 14.90 -14.01 38.63
C VAL A 148 14.66 -13.13 37.40
N VAL A 149 15.22 -13.57 36.27
CA VAL A 149 15.05 -12.87 35.00
C VAL A 149 14.61 -13.85 33.91
N GLU A 150 13.49 -13.52 33.30
CA GLU A 150 12.99 -14.25 32.14
C GLU A 150 13.64 -13.69 30.89
N PRO A 151 14.55 -14.42 30.22
CA PRO A 151 15.28 -13.85 29.04
C PRO A 151 14.36 -13.74 27.83
N TRP A 152 14.72 -12.96 26.79
CA TRP A 152 14.16 -13.15 25.49
C TRP A 152 14.77 -14.44 24.90
N TRP A 153 14.30 -14.82 23.71
CA TRP A 153 14.89 -15.92 22.97
C TRP A 153 16.42 -15.72 22.77
N PHE A 154 17.18 -16.81 22.86
CA PHE A 154 18.59 -16.82 22.41
C PHE A 154 18.65 -16.80 20.88
N PRO A 155 19.75 -16.24 20.33
CA PRO A 155 19.84 -16.15 18.87
C PRO A 155 19.57 -17.48 18.16
N GLU A 156 20.09 -18.56 18.71
CA GLU A 156 19.94 -19.90 18.12
C GLU A 156 18.50 -20.33 17.96
N ASN A 157 17.59 -19.76 18.76
CA ASN A 157 16.20 -20.19 18.77
C ASN A 157 15.26 -19.15 18.14
N PHE A 158 15.79 -17.99 17.73
CA PHE A 158 14.94 -17.00 17.08
C PHE A 158 14.50 -17.42 15.68
N THR A 159 13.24 -17.19 15.35
CA THR A 159 12.64 -17.56 14.06
C THR A 159 12.22 -16.30 13.29
N PRO A 160 13.11 -15.82 12.44
CA PRO A 160 12.78 -14.65 11.65
C PRO A 160 11.58 -14.94 10.74
N GLY A 161 10.73 -13.94 10.47
CA GLY A 161 9.56 -14.09 9.65
C GLY A 161 8.33 -14.59 10.40
N TYR A 162 8.47 -14.82 11.70
CA TYR A 162 7.37 -15.32 12.53
C TYR A 162 6.18 -14.38 12.49
N VAL A 163 5.00 -14.93 12.23
CA VAL A 163 3.75 -14.16 12.25
C VAL A 163 2.83 -14.79 13.31
N ALA A 164 2.39 -13.98 14.28
CA ALA A 164 1.37 -14.32 15.25
C ALA A 164 0.09 -13.57 15.00
N ALA A 165 -1.03 -14.27 14.92
CA ALA A 165 -2.31 -13.59 14.71
C ALA A 165 -3.35 -14.24 15.60
N GLY A 166 -4.13 -13.39 16.27
CA GLY A 166 -5.19 -13.90 17.10
C GLY A 166 -6.20 -12.80 17.36
N THR A 167 -7.41 -13.23 17.66
CA THR A 167 -8.53 -12.35 17.86
C THR A 167 -9.17 -12.80 19.16
N VAL A 168 -9.57 -11.84 20.00
CA VAL A 168 -10.26 -12.14 21.25
C VAL A 168 -11.40 -11.13 21.38
N GLU A 169 -12.48 -11.56 22.03
CA GLU A 169 -13.60 -10.66 22.30
C GLU A 169 -13.89 -10.64 23.78
N ALA A 170 -14.09 -9.46 24.34
CA ALA A 170 -14.49 -9.35 25.74
C ALA A 170 -15.42 -8.19 25.92
N GLY A 171 -16.59 -8.43 26.49
CA GLY A 171 -17.40 -7.31 26.92
C GLY A 171 -17.91 -6.39 25.82
N GLY A 172 -18.02 -6.90 24.62
CA GLY A 172 -18.43 -6.09 23.48
C GLY A 172 -17.28 -5.61 22.60
N THR A 173 -16.04 -5.78 23.03
CA THR A 173 -14.89 -5.31 22.23
C THR A 173 -14.13 -6.50 21.61
N THR A 174 -13.88 -6.38 20.31
CA THR A 174 -13.19 -7.42 19.54
C THR A 174 -11.83 -6.82 19.20
N VAL A 175 -10.77 -7.51 19.59
CA VAL A 175 -9.42 -7.09 19.31
C VAL A 175 -8.67 -8.13 18.55
N THR A 176 -8.13 -7.72 17.41
CA THR A 176 -7.27 -8.57 16.60
C THR A 176 -5.85 -8.02 16.70
N ARG A 177 -4.87 -8.88 16.98
CA ARG A 177 -3.50 -8.50 17.14
C ARG A 177 -2.70 -9.36 16.17
N VAL A 178 -1.83 -8.76 15.36
CA VAL A 178 -0.98 -9.45 14.41
C VAL A 178 0.42 -8.92 14.63
N SER A 179 1.36 -9.82 14.94
CA SER A 179 2.79 -9.47 15.03
C SER A 179 3.63 -10.09 13.93
N HIS A 180 4.66 -9.35 13.51
CA HIS A 180 5.65 -9.83 12.56
C HIS A 180 7.05 -9.51 13.14
N SER A 181 7.95 -10.50 13.06
CA SER A 181 9.30 -10.45 13.63
C SER A 181 10.40 -10.70 12.60
N SER A 182 11.48 -9.93 12.65
CA SER A 182 12.57 -10.04 11.70
C SER A 182 13.83 -9.76 12.52
N ARG A 183 15.01 -9.98 11.93
CA ARG A 183 16.29 -9.64 12.56
C ARG A 183 16.67 -8.21 12.20
N GLU A 184 17.07 -7.40 13.19
CA GLU A 184 17.58 -6.02 12.99
C GLU A 184 18.87 -5.97 13.84
N GLY A 185 20.01 -6.26 13.24
CA GLY A 185 21.28 -6.22 13.97
C GLY A 185 21.35 -7.36 14.98
N GLU A 186 21.58 -7.05 16.26
CA GLU A 186 21.56 -8.08 17.31
C GLU A 186 20.23 -8.15 18.10
N ALA A 187 19.14 -7.80 17.41
CA ALA A 187 17.82 -7.82 18.03
C ALA A 187 16.77 -8.39 17.10
N THR A 188 15.66 -8.76 17.73
CA THR A 188 14.42 -8.86 17.06
C THR A 188 13.73 -7.53 16.85
N ARG A 189 13.33 -7.28 15.59
CA ARG A 189 12.35 -6.24 15.32
C ARG A 189 10.98 -6.91 15.26
N ILE A 190 10.11 -6.55 16.21
CA ILE A 190 8.72 -7.01 16.23
C ILE A 190 7.79 -5.81 16.06
N GLU A 191 7.04 -5.85 14.96
CA GLU A 191 5.98 -4.91 14.63
C GLU A 191 4.63 -5.55 14.88
N VAL A 192 3.76 -4.80 15.54
CA VAL A 192 2.49 -5.33 16.00
C VAL A 192 1.39 -4.39 15.58
N HIS A 193 0.43 -4.92 14.84
CA HIS A 193 -0.77 -4.20 14.43
C HIS A 193 -2.01 -4.71 15.14
N TYR A 194 -2.91 -3.79 15.48
CA TYR A 194 -4.16 -4.10 16.13
C TYR A 194 -5.31 -3.57 15.31
N LEU A 195 -6.38 -4.35 15.24
CA LEU A 195 -7.67 -3.80 14.87
C LEU A 195 -8.62 -3.99 16.04
N VAL A 196 -9.15 -2.86 16.50
CA VAL A 196 -10.01 -2.83 17.67
C VAL A 196 -11.40 -2.43 17.22
N ALA A 197 -12.39 -3.28 17.49
CA ALA A 197 -13.73 -3.09 16.96
C ALA A 197 -14.83 -3.22 18.03
N GLY A 198 -15.92 -2.49 17.84
CA GLY A 198 -17.05 -2.60 18.76
C GLY A 198 -18.28 -2.01 18.12
N PRO A 199 -19.46 -2.34 18.62
CA PRO A 199 -20.69 -1.85 18.00
C PRO A 199 -20.80 -0.33 17.81
N ASP A 200 -20.40 0.44 18.80
CA ASP A 200 -20.42 1.90 18.67
C ASP A 200 -19.08 2.47 18.24
N ARG A 201 -18.02 1.86 18.72
CA ARG A 201 -16.70 2.40 18.46
C ARG A 201 -16.30 2.28 16.99
N GLY A 202 -16.92 1.39 16.24
CA GLY A 202 -16.43 1.10 14.90
C GLY A 202 -15.12 0.34 14.96
N ILE A 203 -14.28 0.55 13.96
CA ILE A 203 -12.98 -0.12 13.92
C ILE A 203 -11.92 0.96 14.01
N THR A 204 -10.93 0.78 14.88
CA THR A 204 -9.72 1.56 14.88
C THR A 204 -8.47 0.69 14.68
N HIS A 205 -7.44 1.28 14.10
CA HIS A 205 -6.17 0.63 13.81
C HIS A 205 -5.10 1.25 14.73
N HIS A 206 -4.23 0.41 15.30
CA HIS A 206 -3.13 0.83 16.18
C HIS A 206 -1.89 0.02 15.85
N GLU A 207 -0.71 0.59 16.06
CA GLU A 207 0.54 -0.08 15.79
C GLU A 207 1.61 0.28 16.80
N GLU A 208 2.41 -0.73 17.11
CA GLU A 208 3.58 -0.57 17.94
C GLU A 208 4.70 -1.33 17.26
N SER A 209 5.94 -1.01 17.64
CA SER A 209 7.09 -1.65 17.08
C SER A 209 8.24 -1.53 18.09
N HIS A 210 8.90 -2.64 18.34
CA HIS A 210 9.94 -2.80 19.34
C HIS A 210 11.17 -3.55 18.78
N ARG A 211 12.32 -3.23 19.37
CA ARG A 211 13.56 -4.00 19.28
C ARG A 211 13.77 -4.73 20.55
N ILE A 212 13.83 -6.07 20.47
CA ILE A 212 14.07 -6.88 21.64
C ILE A 212 15.36 -7.65 21.43
N THR A 213 16.34 -7.38 22.28
CA THR A 213 17.72 -7.77 22.01
C THR A 213 17.91 -9.27 22.20
N LEU A 214 18.62 -9.86 21.26
CA LEU A 214 18.86 -11.30 21.26
C LEU A 214 20.18 -11.54 22.02
N PHE A 215 20.15 -11.34 23.33
CA PHE A 215 21.32 -11.64 24.15
C PHE A 215 21.56 -13.15 24.12
N THR A 216 22.81 -13.54 24.09
CA THR A 216 23.13 -14.96 24.20
C THR A 216 23.01 -15.40 25.66
N ARG A 217 22.93 -16.71 25.84
CA ARG A 217 22.89 -17.26 27.18
C ARG A 217 24.12 -16.82 27.99
N GLU A 218 25.28 -16.80 27.33
CA GLU A 218 26.54 -16.45 27.96
C GLU A 218 26.53 -14.96 28.35
N GLN A 219 25.90 -14.11 27.54
CA GLN A 219 25.73 -12.75 27.99
C GLN A 219 24.91 -12.56 29.25
N TYR A 220 23.81 -13.31 29.38
CA TYR A 220 23.05 -13.20 30.62
C TYR A 220 23.94 -13.69 31.78
N GLU A 221 24.61 -14.82 31.59
CA GLU A 221 25.44 -15.36 32.68
C GLU A 221 26.54 -14.40 33.13
N ARG A 222 27.14 -13.73 32.16
CA ARG A 222 28.14 -12.70 32.44
C ARG A 222 27.60 -11.54 33.25
N ALA A 223 26.37 -11.12 32.94
CA ALA A 223 25.72 -10.05 33.68
C ALA A 223 25.46 -10.47 35.14
N PHE A 224 24.95 -11.68 35.32
CA PHE A 224 24.72 -12.12 36.67
C PHE A 224 26.01 -12.24 37.50
N THR A 225 27.01 -12.90 36.93
CA THR A 225 28.31 -13.06 37.58
C THR A 225 28.99 -11.74 37.94
N ALA A 226 28.93 -10.76 37.05
CA ALA A 226 29.48 -9.47 37.37
C ALA A 226 28.78 -8.73 38.50
N ALA A 227 27.52 -9.08 38.79
CA ALA A 227 26.75 -8.47 39.85
C ALA A 227 26.92 -9.30 41.16
N GLY A 228 27.78 -10.29 41.08
CA GLY A 228 28.13 -11.10 42.25
C GLY A 228 27.12 -12.18 42.55
N LEU A 229 26.32 -12.51 41.56
CA LEU A 229 25.25 -13.51 41.68
C LEU A 229 25.69 -14.82 41.05
N SER A 230 25.44 -15.94 41.75
CA SER A 230 25.64 -17.25 41.14
C SER A 230 24.42 -17.57 40.31
N VAL A 231 24.66 -18.00 39.09
CA VAL A 231 23.62 -18.05 38.06
C VAL A 231 23.27 -19.49 37.69
N GLU A 232 21.98 -19.72 37.49
CA GLU A 232 21.53 -20.95 36.87
C GLU A 232 20.45 -20.68 35.81
N PHE A 233 20.48 -21.40 34.71
CA PHE A 233 19.43 -21.35 33.73
C PHE A 233 18.49 -22.53 33.94
N MET A 234 17.23 -22.18 34.08
CA MET A 234 16.15 -23.15 34.22
CA MET A 234 16.14 -23.15 34.21
C MET A 234 15.35 -23.16 32.90
N PRO A 235 15.45 -24.24 32.11
CA PRO A 235 14.77 -24.25 30.81
C PRO A 235 13.25 -24.30 30.91
N GLY A 236 12.55 -23.96 29.84
CA GLY A 236 11.11 -23.91 29.79
C GLY A 236 10.55 -22.58 30.24
N GLY A 237 10.27 -22.45 31.53
CA GLY A 237 9.73 -21.22 32.11
C GLY A 237 8.39 -20.79 31.60
N PRO A 238 8.03 -19.53 31.87
CA PRO A 238 6.68 -19.09 31.55
C PRO A 238 6.36 -19.08 30.07
N SER A 239 7.36 -18.81 29.22
CA SER A 239 7.16 -18.57 27.80
C SER A 239 7.94 -19.49 26.86
N GLY A 240 8.57 -20.54 27.39
CA GLY A 240 9.44 -21.39 26.61
C GLY A 240 10.86 -20.89 26.45
N ARG A 241 11.12 -19.71 27.02
CA ARG A 241 12.43 -19.06 26.96
C ARG A 241 13.29 -19.33 28.20
N GLY A 242 12.80 -20.18 29.12
CA GLY A 242 13.42 -20.41 30.41
C GLY A 242 13.41 -19.21 31.34
N LEU A 243 14.20 -19.34 32.41
CA LEU A 243 14.37 -18.37 33.49
C LEU A 243 15.79 -18.47 34.00
N PHE A 244 16.45 -17.34 34.20
CA PHE A 244 17.69 -17.30 34.96
C PHE A 244 17.43 -16.92 36.39
N THR A 245 18.08 -17.64 37.30
CA THR A 245 18.08 -17.31 38.70
C THR A 245 19.49 -16.99 39.15
N GLY A 246 19.53 -16.15 40.16
CA GLY A 246 20.79 -15.67 40.74
C GLY A 246 20.74 -15.44 42.23
N LEU A 247 21.74 -15.99 42.91
CA LEU A 247 21.85 -15.96 44.37
C LEU A 247 23.12 -15.21 44.79
N PRO A 248 22.97 -14.27 45.72
CA PRO A 248 24.11 -13.47 46.14
C PRO A 248 25.14 -14.32 46.86
N GLY A 249 26.38 -13.86 46.86
CA GLY A 249 27.40 -14.44 47.73
C GLY A 249 28.31 -15.39 46.98
N ALA A 250 28.35 -15.26 45.65
CA ALA A 250 29.36 -15.96 44.82
C ALA A 250 30.77 -15.36 44.93
N PRO B 10 -9.23 5.35 2.19
CA PRO B 10 -10.31 4.35 2.33
C PRO B 10 -11.13 4.17 1.04
N GLN B 11 -11.01 3.04 0.37
CA GLN B 11 -11.60 2.85 -0.97
C GLN B 11 -13.01 2.29 -0.98
N ALA B 12 -13.72 2.48 -2.11
CA ALA B 12 -15.09 1.96 -2.26
C ALA B 12 -15.31 1.35 -3.64
N ASP B 13 -14.22 0.89 -4.25
CA ASP B 13 -14.22 0.53 -5.61
C ASP B 13 -13.58 -0.82 -5.90
N TYR B 14 -13.46 -1.71 -4.91
CA TYR B 14 -12.97 -3.06 -5.17
C TYR B 14 -11.74 -3.11 -6.06
N SER B 15 -10.70 -2.43 -5.59
CA SER B 15 -9.48 -2.24 -6.37
C SER B 15 -8.24 -2.62 -5.58
N GLY B 16 -7.14 -2.67 -6.34
CA GLY B 16 -5.83 -2.84 -5.73
C GLY B 16 -5.76 -4.10 -4.90
N GLU B 17 -5.18 -3.93 -3.72
CA GLU B 17 -4.94 -5.09 -2.87
C GLU B 17 -6.25 -5.69 -2.37
N ILE B 18 -7.26 -4.84 -2.17
CA ILE B 18 -8.57 -5.28 -1.76
C ILE B 18 -9.11 -6.29 -2.77
N ALA B 19 -8.98 -5.99 -4.05
CA ALA B 19 -9.39 -6.95 -5.08
C ALA B 19 -8.61 -8.28 -5.03
N GLU B 20 -7.32 -8.22 -4.75
CA GLU B 20 -6.48 -9.42 -4.64
C GLU B 20 -6.78 -10.33 -3.46
N LEU B 21 -7.36 -9.77 -2.40
CA LEU B 21 -7.70 -10.47 -1.15
C LEU B 21 -9.08 -11.09 -1.20
N TYR B 22 -9.89 -10.60 -2.15
CA TYR B 22 -11.34 -10.82 -2.14
C TYR B 22 -11.64 -12.32 -2.05
N ASP B 23 -11.06 -13.11 -2.96
CA ASP B 23 -11.39 -14.55 -3.01
C ASP B 23 -10.93 -15.31 -1.78
N LEU B 24 -9.72 -15.00 -1.33
CA LEU B 24 -9.18 -15.65 -0.13
C LEU B 24 -10.08 -15.36 1.08
N VAL B 25 -10.45 -14.10 1.29
CA VAL B 25 -11.28 -13.80 2.45
C VAL B 25 -12.66 -14.46 2.41
N HIS B 26 -13.32 -14.51 1.25
CA HIS B 26 -14.65 -15.09 1.20
C HIS B 26 -14.62 -16.62 1.27
N GLN B 27 -13.54 -17.19 0.78
CA GLN B 27 -13.24 -18.62 0.99
C GLN B 27 -13.09 -18.91 2.48
N GLY B 28 -12.24 -18.13 3.15
CA GLY B 28 -12.12 -18.21 4.62
C GLY B 28 -13.45 -18.09 5.36
N LYS B 29 -14.37 -17.26 4.87
CA LYS B 29 -15.67 -17.10 5.52
C LYS B 29 -16.64 -18.24 5.18
N GLY B 30 -16.19 -19.17 4.35
CA GLY B 30 -16.95 -20.39 4.06
C GLY B 30 -17.84 -20.28 2.84
N LYS B 31 -17.64 -19.26 2.01
CA LYS B 31 -18.53 -19.12 0.84
C LYS B 31 -18.23 -20.24 -0.16
N ASP B 32 -19.28 -20.88 -0.66
CA ASP B 32 -19.09 -22.06 -1.51
C ASP B 32 -19.72 -21.83 -2.88
N TYR B 33 -18.93 -21.27 -3.80
CA TYR B 33 -19.45 -20.89 -5.09
C TYR B 33 -19.86 -22.08 -5.95
N HIS B 34 -19.23 -23.22 -5.71
CA HIS B 34 -19.56 -24.45 -6.43
C HIS B 34 -21.00 -24.86 -6.12
N ARG B 35 -21.34 -25.03 -4.86
CA ARG B 35 -22.72 -25.27 -4.43
C ARG B 35 -23.69 -24.18 -4.89
N GLU B 36 -23.29 -22.92 -4.79
CA GLU B 36 -24.18 -21.84 -5.24
C GLU B 36 -24.48 -21.95 -6.75
N ALA B 37 -23.46 -22.27 -7.55
CA ALA B 37 -23.58 -22.39 -9.02
C ALA B 37 -24.49 -23.57 -9.34
N ALA B 38 -24.21 -24.72 -8.73
CA ALA B 38 -25.08 -25.89 -8.87
C ALA B 38 -26.54 -25.56 -8.60
N ASP B 39 -26.82 -24.96 -7.45
CA ASP B 39 -28.18 -24.50 -7.16
C ASP B 39 -28.76 -23.49 -8.17
N LEU B 40 -27.96 -22.53 -8.61
CA LEU B 40 -28.43 -21.51 -9.54
C LEU B 40 -28.77 -22.15 -10.91
N ALA B 41 -27.83 -22.93 -11.44
CA ALA B 41 -28.07 -23.64 -12.70
C ALA B 41 -29.32 -24.52 -12.66
N ALA B 42 -29.52 -25.30 -11.60
CA ALA B 42 -30.80 -26.02 -11.41
C ALA B 42 -32.01 -25.09 -11.40
N LEU B 43 -31.89 -23.91 -10.82
CA LEU B 43 -33.05 -23.02 -10.74
C LEU B 43 -33.32 -22.44 -12.11
N VAL B 44 -32.25 -22.08 -12.83
CA VAL B 44 -32.48 -21.56 -14.18
C VAL B 44 -33.21 -22.59 -15.05
N ARG B 45 -32.74 -23.83 -15.00
CA ARG B 45 -33.29 -24.89 -15.86
C ARG B 45 -34.70 -25.27 -15.46
N ARG B 46 -35.09 -24.99 -14.21
CA ARG B 46 -36.49 -25.15 -13.81
C ARG B 46 -37.41 -24.19 -14.54
N HIS B 47 -36.98 -22.95 -14.73
CA HIS B 47 -37.78 -21.92 -15.41
C HIS B 47 -37.57 -21.90 -16.91
N SER B 48 -36.49 -22.54 -17.38
CA SER B 48 -36.11 -22.43 -18.79
C SER B 48 -35.36 -23.68 -19.16
N PRO B 49 -36.08 -24.76 -19.49
CA PRO B 49 -35.36 -26.01 -19.59
C PRO B 49 -34.35 -26.04 -20.73
N LYS B 50 -34.47 -25.09 -21.67
CA LYS B 50 -33.58 -25.07 -22.82
C LYS B 50 -32.46 -24.04 -22.67
N ALA B 51 -32.48 -23.26 -21.59
CA ALA B 51 -31.42 -22.32 -21.31
C ALA B 51 -30.04 -22.80 -21.74
N ALA B 52 -29.34 -21.97 -22.50
CA ALA B 52 -28.03 -22.32 -23.00
C ALA B 52 -27.12 -21.14 -22.77
N SER B 53 -27.63 -20.08 -22.14
CA SER B 53 -26.78 -18.89 -21.97
C SER B 53 -27.05 -18.14 -20.66
N LEU B 54 -26.01 -17.49 -20.12
CA LEU B 54 -26.12 -16.80 -18.79
C LEU B 54 -25.20 -15.59 -18.73
N LEU B 55 -25.76 -14.45 -18.32
CA LEU B 55 -24.98 -13.27 -18.00
C LEU B 55 -25.00 -13.10 -16.48
N ASP B 56 -23.81 -13.04 -15.90
CA ASP B 56 -23.63 -12.66 -14.51
C ASP B 56 -23.20 -11.19 -14.37
N VAL B 57 -24.08 -10.39 -13.81
CA VAL B 57 -23.87 -8.95 -13.71
C VAL B 57 -23.27 -8.72 -12.31
N ALA B 58 -22.31 -7.82 -12.23
CA ALA B 58 -21.38 -7.62 -11.11
C ALA B 58 -20.67 -8.93 -10.76
N CYS B 59 -20.04 -9.53 -11.76
CA CYS B 59 -19.42 -10.85 -11.64
C CYS B 59 -18.19 -10.88 -10.74
N GLY B 60 -17.63 -9.72 -10.46
CA GLY B 60 -16.51 -9.66 -9.53
C GLY B 60 -15.36 -10.44 -10.12
N THR B 61 -14.90 -11.42 -9.33
CA THR B 61 -13.74 -12.20 -9.70
C THR B 61 -14.13 -13.46 -10.48
N GLY B 62 -15.41 -13.55 -10.81
CA GLY B 62 -15.85 -14.52 -11.79
C GLY B 62 -15.84 -15.93 -11.24
N MET B 63 -16.06 -16.06 -9.93
CA MET B 63 -16.10 -17.35 -9.27
C MET B 63 -17.35 -18.16 -9.62
N HIS B 64 -18.51 -17.52 -9.65
CA HIS B 64 -19.72 -18.24 -10.06
C HIS B 64 -19.57 -18.63 -11.54
N LEU B 65 -19.09 -17.70 -12.36
CA LEU B 65 -19.04 -17.91 -13.83
C LEU B 65 -18.17 -19.13 -14.15
N ARG B 66 -17.11 -19.33 -13.38
CA ARG B 66 -16.18 -20.43 -13.61
C ARG B 66 -16.96 -21.74 -13.51
N HIS B 67 -17.76 -21.86 -12.48
CA HIS B 67 -18.55 -23.09 -12.35
C HIS B 67 -19.74 -23.16 -13.31
N LEU B 68 -20.35 -22.02 -13.62
CA LEU B 68 -21.52 -21.99 -14.48
C LEU B 68 -21.14 -22.32 -15.94
N ALA B 69 -19.87 -22.12 -16.29
CA ALA B 69 -19.40 -22.50 -17.64
C ALA B 69 -19.56 -24.00 -17.95
N ASP B 70 -19.60 -24.82 -16.90
CA ASP B 70 -19.88 -26.25 -17.00
C ASP B 70 -21.34 -26.61 -17.23
N SER B 71 -22.28 -25.71 -16.96
CA SER B 71 -23.70 -25.99 -17.19
C SER B 71 -24.33 -25.32 -18.42
N PHE B 72 -23.71 -24.28 -18.97
CA PHE B 72 -24.31 -23.48 -20.05
C PHE B 72 -23.26 -23.22 -21.12
N GLY B 73 -23.66 -23.16 -22.38
CA GLY B 73 -22.69 -23.10 -23.47
C GLY B 73 -22.10 -21.71 -23.60
N THR B 74 -22.87 -20.72 -23.18
CA THR B 74 -22.36 -19.36 -23.21
C THR B 74 -22.54 -18.75 -21.83
N VAL B 75 -21.42 -18.29 -21.25
CA VAL B 75 -21.45 -17.41 -20.08
C VAL B 75 -20.69 -16.10 -20.37
N GLU B 76 -21.33 -14.99 -20.02
CA GLU B 76 -20.73 -13.66 -20.10
C GLU B 76 -20.84 -12.96 -18.74
N GLY B 77 -20.07 -11.89 -18.52
CA GLY B 77 -20.09 -11.20 -17.24
C GLY B 77 -19.93 -9.72 -17.49
N LEU B 78 -20.49 -8.94 -16.58
CA LEU B 78 -20.37 -7.49 -16.58
C LEU B 78 -19.83 -7.14 -15.20
N GLU B 79 -18.83 -6.25 -15.17
CA GLU B 79 -18.12 -5.91 -13.93
C GLU B 79 -17.64 -4.47 -14.08
N LEU B 80 -17.97 -3.62 -13.11
CA LEU B 80 -17.59 -2.20 -13.08
C LEU B 80 -16.11 -2.00 -12.75
N SER B 81 -15.54 -2.87 -11.91
CA SER B 81 -14.18 -2.64 -11.40
C SER B 81 -13.15 -3.36 -12.26
N ALA B 82 -12.19 -2.61 -12.80
CA ALA B 82 -11.21 -3.22 -13.70
C ALA B 82 -10.35 -4.28 -13.01
N ASP B 83 -10.05 -4.05 -11.73
CA ASP B 83 -9.17 -4.95 -11.01
C ASP B 83 -9.90 -6.24 -10.69
N MET B 84 -11.20 -6.17 -10.40
CA MET B 84 -11.95 -7.42 -10.18
C MET B 84 -12.03 -8.17 -11.53
N LEU B 85 -12.25 -7.39 -12.58
CA LEU B 85 -12.49 -7.96 -13.91
C LEU B 85 -11.25 -8.66 -14.42
N ALA B 86 -10.09 -8.07 -14.14
CA ALA B 86 -8.83 -8.70 -14.51
C ALA B 86 -8.68 -10.09 -13.90
N ILE B 87 -9.01 -10.18 -12.62
CA ILE B 87 -9.05 -11.50 -11.99
C ILE B 87 -10.08 -12.41 -12.65
N ALA B 88 -11.26 -11.88 -12.95
CA ALA B 88 -12.33 -12.70 -13.54
C ALA B 88 -11.87 -13.26 -14.89
N ARG B 89 -11.23 -12.41 -15.69
CA ARG B 89 -10.79 -12.85 -17.03
C ARG B 89 -9.71 -13.93 -16.96
N ARG B 90 -8.76 -13.79 -16.03
CA ARG B 90 -7.73 -14.78 -15.84
C ARG B 90 -8.35 -16.09 -15.42
N ARG B 91 -9.38 -16.04 -14.58
CA ARG B 91 -10.05 -17.26 -14.19
C ARG B 91 -10.93 -17.87 -15.31
N ASN B 92 -11.45 -17.04 -16.21
CA ASN B 92 -12.36 -17.46 -17.31
C ASN B 92 -11.77 -16.96 -18.65
N PRO B 93 -10.61 -17.50 -19.03
CA PRO B 93 -9.84 -16.90 -20.15
C PRO B 93 -10.58 -17.00 -21.49
N ASP B 94 -11.46 -18.00 -21.59
CA ASP B 94 -12.31 -18.16 -22.77
C ASP B 94 -13.58 -17.31 -22.82
N ALA B 95 -14.04 -16.71 -21.71
CA ALA B 95 -15.39 -16.15 -21.66
C ALA B 95 -15.28 -14.70 -22.08
N VAL B 96 -16.37 -14.17 -22.62
CA VAL B 96 -16.42 -12.75 -22.98
C VAL B 96 -16.98 -12.01 -21.77
N LEU B 97 -16.15 -11.13 -21.22
CA LEU B 97 -16.44 -10.42 -19.98
C LEU B 97 -16.37 -8.97 -20.35
N HIS B 98 -17.33 -8.20 -19.85
CA HIS B 98 -17.45 -6.80 -20.18
C HIS B 98 -17.16 -5.89 -19.01
N HIS B 99 -16.51 -4.77 -19.30
CA HIS B 99 -16.22 -3.76 -18.33
C HIS B 99 -17.32 -2.72 -18.44
N GLY B 100 -18.22 -2.73 -17.47
CA GLY B 100 -19.28 -1.75 -17.45
C GLY B 100 -20.18 -1.75 -16.23
N ASP B 101 -21.30 -1.10 -16.39
CA ASP B 101 -22.16 -0.61 -15.32
C ASP B 101 -23.59 -1.14 -15.47
N MET B 102 -24.08 -1.80 -14.42
CA MET B 102 -25.35 -2.53 -14.51
C MET B 102 -26.54 -1.58 -14.70
N ARG B 103 -26.28 -0.29 -14.50
CA ARG B 103 -27.32 0.73 -14.59
C ARG B 103 -27.56 1.11 -16.04
N ASP B 104 -26.57 0.87 -16.88
CA ASP B 104 -26.61 1.32 -18.27
CA ASP B 104 -26.58 1.37 -18.25
C ASP B 104 -25.55 0.55 -19.02
N PHE B 105 -26.02 -0.51 -19.66
CA PHE B 105 -25.15 -1.37 -20.46
C PHE B 105 -25.96 -1.94 -21.60
N SER B 106 -25.25 -2.32 -22.65
CA SER B 106 -25.83 -2.83 -23.87
C SER B 106 -24.87 -3.82 -24.53
N LEU B 107 -25.13 -5.11 -24.35
CA LEU B 107 -24.25 -6.14 -24.89
C LEU B 107 -24.73 -6.57 -26.28
N GLY B 108 -24.00 -7.51 -26.87
CA GLY B 108 -24.40 -8.06 -28.18
C GLY B 108 -25.64 -8.92 -28.28
N ARG B 109 -26.15 -9.44 -27.18
CA ARG B 109 -27.19 -10.48 -27.23
C ARG B 109 -28.04 -10.53 -25.96
N ARG B 110 -29.04 -11.41 -25.95
CA ARG B 110 -29.84 -11.68 -24.77
C ARG B 110 -29.45 -13.08 -24.26
N PHE B 111 -29.87 -13.39 -23.03
CA PHE B 111 -29.44 -14.63 -22.34
C PHE B 111 -30.62 -15.31 -21.68
N SER B 112 -30.50 -16.61 -21.43
CA SER B 112 -31.57 -17.29 -20.76
C SER B 112 -31.63 -17.00 -19.27
N ALA B 113 -30.54 -16.49 -18.71
CA ALA B 113 -30.53 -16.10 -17.31
C ALA B 113 -29.68 -14.85 -17.17
N VAL B 114 -30.23 -13.83 -16.51
CA VAL B 114 -29.45 -12.68 -16.08
C VAL B 114 -29.43 -12.76 -14.55
N THR B 115 -28.23 -12.92 -14.00
CA THR B 115 -28.03 -13.11 -12.58
C THR B 115 -27.23 -11.96 -11.95
N CYS B 116 -27.56 -11.64 -10.70
CA CYS B 116 -26.82 -10.61 -9.94
C CYS B 116 -26.75 -11.07 -8.49
N MET B 117 -25.56 -11.51 -8.09
CA MET B 117 -25.39 -12.32 -6.88
C MET B 117 -24.60 -11.57 -5.79
N PHE B 118 -24.77 -12.09 -4.58
CA PHE B 118 -24.04 -11.67 -3.39
C PHE B 118 -24.34 -10.20 -3.03
N SER B 119 -25.58 -9.76 -3.29
CA SER B 119 -26.08 -8.49 -2.80
C SER B 119 -25.37 -7.32 -3.49
N SER B 120 -24.74 -7.61 -4.62
CA SER B 120 -24.13 -6.53 -5.43
C SER B 120 -25.16 -5.45 -5.81
N ILE B 121 -26.44 -5.83 -5.95
CA ILE B 121 -27.51 -4.86 -6.28
C ILE B 121 -27.62 -3.74 -5.26
N GLY B 122 -27.13 -3.98 -4.05
CA GLY B 122 -27.11 -3.01 -2.97
C GLY B 122 -26.21 -1.83 -3.26
N HIS B 123 -25.30 -2.01 -4.20
CA HIS B 123 -24.38 -0.92 -4.57
C HIS B 123 -25.10 0.18 -5.33
N LEU B 124 -26.35 -0.02 -5.71
CA LEU B 124 -27.15 1.03 -6.32
C LEU B 124 -27.71 1.97 -5.25
N ALA B 125 -27.94 3.23 -5.63
CA ALA B 125 -28.04 4.34 -4.66
C ALA B 125 -29.47 4.64 -4.21
N GLY B 126 -30.45 4.25 -5.01
CA GLY B 126 -31.85 4.44 -4.66
C GLY B 126 -32.75 3.87 -5.74
N GLN B 127 -34.04 4.20 -5.70
CA GLN B 127 -35.05 3.54 -6.52
C GLN B 127 -34.90 3.76 -8.02
N ALA B 128 -34.46 4.94 -8.43
CA ALA B 128 -34.21 5.17 -9.86
C ALA B 128 -33.15 4.21 -10.42
N GLU B 129 -32.04 4.07 -9.71
CA GLU B 129 -30.93 3.21 -10.13
C GLU B 129 -31.32 1.74 -10.15
N LEU B 130 -32.06 1.31 -9.14
CA LEU B 130 -32.49 -0.09 -9.09
C LEU B 130 -33.44 -0.38 -10.25
N ASP B 131 -34.41 0.50 -10.42
CA ASP B 131 -35.30 0.44 -11.58
C ASP B 131 -34.51 0.38 -12.90
N ALA B 132 -33.57 1.31 -13.11
CA ALA B 132 -32.74 1.28 -14.30
C ALA B 132 -32.02 -0.05 -14.50
N ALA B 133 -31.41 -0.59 -13.45
CA ALA B 133 -30.68 -1.83 -13.57
C ALA B 133 -31.67 -2.92 -13.95
N LEU B 134 -32.83 -2.96 -13.30
CA LEU B 134 -33.75 -4.09 -13.60
C LEU B 134 -34.27 -3.99 -15.06
N GLU B 135 -34.40 -2.78 -15.58
CA GLU B 135 -34.84 -2.58 -16.96
C GLU B 135 -33.77 -3.11 -17.88
N ARG B 136 -32.50 -2.90 -17.51
CA ARG B 136 -31.40 -3.45 -18.29
C ARG B 136 -31.37 -4.98 -18.23
N PHE B 137 -31.65 -5.51 -17.05
CA PHE B 137 -31.68 -6.96 -16.95
C PHE B 137 -32.78 -7.53 -17.84
N ALA B 138 -33.96 -6.92 -17.81
CA ALA B 138 -35.08 -7.35 -18.67
C ALA B 138 -34.75 -7.24 -20.16
N ALA B 139 -34.03 -6.18 -20.50
CA ALA B 139 -33.52 -5.99 -21.84
C ALA B 139 -32.52 -7.04 -22.31
N HIS B 140 -31.87 -7.76 -21.40
CA HIS B 140 -30.90 -8.78 -21.80
C HIS B 140 -31.41 -10.19 -21.52
N VAL B 141 -32.68 -10.31 -21.15
CA VAL B 141 -33.20 -11.66 -20.94
C VAL B 141 -34.06 -12.15 -22.12
N LEU B 142 -33.94 -13.42 -22.45
CA LEU B 142 -34.74 -14.05 -23.51
C LEU B 142 -36.16 -14.31 -22.99
N PRO B 143 -37.14 -14.34 -23.92
CA PRO B 143 -38.53 -14.44 -23.51
C PRO B 143 -38.86 -15.63 -22.60
N ASP B 144 -38.16 -16.74 -22.73
CA ASP B 144 -38.45 -17.85 -21.86
C ASP B 144 -37.41 -17.94 -20.72
N GLY B 145 -36.72 -16.82 -20.49
CA GLY B 145 -35.63 -16.79 -19.52
C GLY B 145 -36.05 -16.41 -18.11
N VAL B 146 -35.04 -16.26 -17.23
CA VAL B 146 -35.29 -15.82 -15.86
C VAL B 146 -34.26 -14.77 -15.42
N VAL B 147 -34.70 -13.77 -14.66
CA VAL B 147 -33.78 -12.81 -14.02
C VAL B 147 -33.72 -13.19 -12.53
N VAL B 148 -32.47 -13.35 -12.05
CA VAL B 148 -32.18 -13.73 -10.67
C VAL B 148 -31.35 -12.69 -9.92
N VAL B 149 -31.94 -12.05 -8.92
CA VAL B 149 -31.23 -11.08 -8.09
C VAL B 149 -31.19 -11.52 -6.61
N GLU B 150 -29.98 -11.63 -6.06
CA GLU B 150 -29.78 -11.81 -4.62
C GLU B 150 -29.74 -10.45 -3.90
N PRO B 151 -30.79 -10.12 -3.13
CA PRO B 151 -30.88 -8.80 -2.54
C PRO B 151 -29.87 -8.63 -1.39
N TRP B 152 -29.61 -7.38 -1.02
CA TRP B 152 -29.05 -7.08 0.30
C TRP B 152 -30.17 -7.35 1.34
N TRP B 153 -29.83 -7.21 2.62
CA TRP B 153 -30.80 -7.29 3.71
C TRP B 153 -31.90 -6.25 3.56
N PHE B 154 -33.12 -6.61 3.95
CA PHE B 154 -34.18 -5.62 4.03
C PHE B 154 -34.02 -4.83 5.33
N PRO B 155 -34.46 -3.56 5.37
CA PRO B 155 -34.33 -2.83 6.65
C PRO B 155 -34.73 -3.60 7.89
N GLU B 156 -35.85 -4.32 7.84
CA GLU B 156 -36.31 -5.05 9.02
C GLU B 156 -35.40 -6.18 9.45
N ASN B 157 -34.47 -6.65 8.61
CA ASN B 157 -33.61 -7.76 9.01
C ASN B 157 -32.16 -7.31 9.24
N PHE B 158 -31.88 -6.02 9.02
CA PHE B 158 -30.52 -5.51 9.19
C PHE B 158 -30.16 -5.41 10.67
N THR B 159 -28.93 -5.79 11.00
CA THR B 159 -28.45 -5.85 12.38
C THR B 159 -27.33 -4.82 12.57
N PRO B 160 -27.68 -3.57 12.89
CA PRO B 160 -26.60 -2.61 13.09
C PRO B 160 -25.68 -2.94 14.27
N GLY B 161 -24.45 -2.45 14.21
CA GLY B 161 -23.49 -2.81 15.23
C GLY B 161 -22.73 -4.10 15.02
N TYR B 162 -23.03 -4.79 13.95
CA TYR B 162 -22.49 -6.10 13.66
C TYR B 162 -20.99 -5.98 13.35
N VAL B 163 -20.22 -6.86 13.96
CA VAL B 163 -18.79 -6.92 13.79
C VAL B 163 -18.46 -8.34 13.36
N ALA B 164 -17.75 -8.47 12.25
CA ALA B 164 -17.27 -9.77 11.79
C ALA B 164 -15.77 -9.71 11.81
N ALA B 165 -15.13 -10.77 12.30
CA ALA B 165 -13.68 -10.84 12.29
C ALA B 165 -13.24 -12.24 11.96
N GLY B 166 -12.26 -12.38 11.09
CA GLY B 166 -11.78 -13.70 10.75
C GLY B 166 -10.40 -13.58 10.15
N THR B 167 -9.64 -14.64 10.33
CA THR B 167 -8.28 -14.71 9.87
C THR B 167 -8.09 -16.00 9.09
N VAL B 168 -7.36 -15.91 8.00
CA VAL B 168 -7.08 -17.06 7.15
C VAL B 168 -5.62 -17.00 6.71
N GLU B 169 -5.01 -18.14 6.43
CA GLU B 169 -3.74 -18.11 5.74
C GLU B 169 -3.67 -19.01 4.50
N ALA B 170 -2.89 -18.59 3.51
CA ALA B 170 -2.63 -19.42 2.35
C ALA B 170 -1.32 -18.99 1.73
N GLY B 171 -0.47 -19.94 1.37
CA GLY B 171 0.68 -19.61 0.54
C GLY B 171 1.71 -18.68 1.16
N GLY B 172 1.79 -18.70 2.49
CA GLY B 172 2.67 -17.78 3.22
C GLY B 172 2.07 -16.45 3.64
N THR B 173 0.82 -16.19 3.26
CA THR B 173 0.16 -14.91 3.54
C THR B 173 -0.98 -15.11 4.54
N THR B 174 -0.98 -14.31 5.62
CA THR B 174 -2.02 -14.39 6.66
C THR B 174 -2.85 -13.15 6.49
N VAL B 175 -4.17 -13.32 6.35
CA VAL B 175 -5.02 -12.16 6.11
C VAL B 175 -6.08 -12.09 7.19
N THR B 176 -6.15 -10.95 7.88
CA THR B 176 -7.23 -10.72 8.85
C THR B 176 -8.20 -9.70 8.29
N ARG B 177 -9.50 -9.97 8.41
CA ARG B 177 -10.52 -9.07 7.93
C ARG B 177 -11.50 -8.83 9.05
N VAL B 178 -11.78 -7.56 9.31
CA VAL B 178 -12.74 -7.14 10.32
C VAL B 178 -13.68 -6.15 9.68
N SER B 179 -14.96 -6.45 9.78
CA SER B 179 -16.00 -5.54 9.31
C SER B 179 -16.85 -5.01 10.45
N HIS B 180 -17.29 -3.77 10.21
CA HIS B 180 -18.24 -3.10 11.09
C HIS B 180 -19.38 -2.47 10.29
N SER B 181 -20.61 -2.70 10.72
CA SER B 181 -21.79 -2.27 9.97
C SER B 181 -22.68 -1.40 10.82
N SER B 182 -23.11 -0.27 10.28
CA SER B 182 -24.05 0.58 10.98
C SER B 182 -25.10 1.11 10.02
N ARG B 183 -26.16 1.71 10.55
CA ARG B 183 -27.18 2.34 9.73
C ARG B 183 -26.76 3.75 9.32
N GLU B 184 -26.81 4.04 8.04
CA GLU B 184 -26.52 5.41 7.55
C GLU B 184 -27.67 5.81 6.62
N GLY B 185 -28.73 6.36 7.21
CA GLY B 185 -29.91 6.74 6.45
C GLY B 185 -30.59 5.51 5.87
N GLU B 186 -30.66 5.48 4.55
CA GLU B 186 -31.33 4.38 3.82
C GLU B 186 -30.43 3.17 3.51
N ALA B 187 -29.25 3.10 4.10
CA ALA B 187 -28.19 2.17 3.69
C ALA B 187 -27.47 1.58 4.90
N THR B 188 -26.79 0.46 4.70
CA THR B 188 -25.75 0.02 5.60
C THR B 188 -24.46 0.73 5.24
N ARG B 189 -23.77 1.28 6.24
CA ARG B 189 -22.38 1.67 6.09
C ARG B 189 -21.56 0.51 6.66
N ILE B 190 -20.84 -0.19 5.77
CA ILE B 190 -19.96 -1.27 6.18
C ILE B 190 -18.52 -0.85 5.93
N GLU B 191 -17.77 -0.79 7.03
CA GLU B 191 -16.36 -0.45 7.01
C GLU B 191 -15.61 -1.75 7.25
N VAL B 192 -14.55 -1.95 6.48
CA VAL B 192 -13.77 -3.20 6.53
C VAL B 192 -12.30 -2.89 6.54
N HIS B 193 -11.61 -3.44 7.56
CA HIS B 193 -10.16 -3.27 7.69
C HIS B 193 -9.50 -4.62 7.53
N TYR B 194 -8.30 -4.61 6.97
CA TYR B 194 -7.51 -5.80 6.73
C TYR B 194 -6.11 -5.61 7.29
N LEU B 195 -5.57 -6.68 7.86
CA LEU B 195 -4.14 -6.78 8.08
C LEU B 195 -3.65 -7.99 7.30
N VAL B 196 -2.61 -7.75 6.52
CA VAL B 196 -2.03 -8.73 5.61
C VAL B 196 -0.61 -8.89 6.07
N ALA B 197 -0.27 -10.12 6.43
CA ALA B 197 1.05 -10.38 6.95
C ALA B 197 1.73 -11.53 6.20
N GLY B 198 3.03 -11.36 6.02
CA GLY B 198 3.87 -12.48 5.53
C GLY B 198 5.27 -12.38 6.06
N PRO B 199 6.05 -13.45 5.87
CA PRO B 199 7.35 -13.51 6.53
C PRO B 199 8.31 -12.44 6.04
N ASP B 200 8.28 -12.14 4.75
CA ASP B 200 9.20 -11.15 4.22
C ASP B 200 8.48 -9.81 3.99
N ARG B 201 7.20 -9.81 3.66
CA ARG B 201 6.52 -8.56 3.38
C ARG B 201 6.16 -7.74 4.64
N GLY B 202 6.13 -8.40 5.78
CA GLY B 202 5.78 -7.73 7.03
C GLY B 202 4.28 -7.55 7.13
N ILE B 203 3.81 -6.44 7.67
CA ILE B 203 2.38 -6.27 7.87
C ILE B 203 1.94 -5.01 7.13
N THR B 204 0.89 -5.13 6.32
CA THR B 204 0.22 -3.96 5.75
C THR B 204 -1.25 -3.92 6.13
N HIS B 205 -1.75 -2.69 6.23
CA HIS B 205 -3.10 -2.37 6.64
C HIS B 205 -3.85 -1.83 5.43
N HIS B 206 -5.07 -2.33 5.21
CA HIS B 206 -5.94 -1.83 4.14
C HIS B 206 -7.31 -1.57 4.68
N GLU B 207 -7.99 -0.59 4.08
CA GLU B 207 -9.38 -0.37 4.39
C GLU B 207 -10.31 -0.14 3.21
N GLU B 208 -11.55 -0.57 3.37
CA GLU B 208 -12.62 -0.23 2.44
C GLU B 208 -13.87 0.20 3.21
N SER B 209 -14.75 0.90 2.49
CA SER B 209 -15.95 1.44 3.10
C SER B 209 -17.05 1.54 2.07
N HIS B 210 -18.17 0.86 2.30
CA HIS B 210 -19.28 0.80 1.35
C HIS B 210 -20.60 1.27 1.96
N ARG B 211 -21.40 1.95 1.14
CA ARG B 211 -22.81 2.18 1.38
C ARG B 211 -23.64 1.15 0.58
N ILE B 212 -24.34 0.25 1.26
CA ILE B 212 -25.09 -0.77 0.58
C ILE B 212 -26.56 -0.55 0.97
N THR B 213 -27.41 -0.25 -0.01
CA THR B 213 -28.75 0.29 0.22
C THR B 213 -29.69 -0.77 0.76
N LEU B 214 -30.42 -0.37 1.81
CA LEU B 214 -31.41 -1.24 2.46
C LEU B 214 -32.73 -1.00 1.74
N PHE B 215 -32.83 -1.56 0.54
CA PHE B 215 -34.11 -1.57 -0.16
C PHE B 215 -35.09 -2.51 0.55
N THR B 216 -36.34 -2.06 0.62
CA THR B 216 -37.41 -2.96 1.06
C THR B 216 -37.74 -3.97 -0.03
N ARG B 217 -38.37 -5.07 0.39
CA ARG B 217 -38.92 -6.03 -0.53
C ARG B 217 -39.78 -5.42 -1.61
N GLU B 218 -40.65 -4.47 -1.24
CA GLU B 218 -41.60 -3.91 -2.19
C GLU B 218 -40.85 -2.98 -3.13
N GLN B 219 -39.76 -2.34 -2.68
CA GLN B 219 -38.89 -1.65 -3.63
C GLN B 219 -38.23 -2.58 -4.66
N TYR B 220 -37.71 -3.73 -4.25
CA TYR B 220 -37.24 -4.71 -5.25
C TYR B 220 -38.39 -5.06 -6.22
N GLU B 221 -39.54 -5.39 -5.66
CA GLU B 221 -40.67 -5.83 -6.46
C GLU B 221 -41.14 -4.77 -7.44
N ARG B 222 -41.13 -3.53 -6.98
CA ARG B 222 -41.50 -2.43 -7.85
C ARG B 222 -40.52 -2.30 -9.01
N ALA B 223 -39.24 -2.55 -8.75
CA ALA B 223 -38.24 -2.51 -9.82
C ALA B 223 -38.42 -3.61 -10.89
N PHE B 224 -38.75 -4.81 -10.45
CA PHE B 224 -38.98 -5.93 -11.36
C PHE B 224 -40.25 -5.60 -12.15
N THR B 225 -41.27 -5.13 -11.46
CA THR B 225 -42.56 -4.82 -12.07
C THR B 225 -42.45 -3.73 -13.13
N ALA B 226 -41.82 -2.62 -12.81
CA ALA B 226 -41.63 -1.58 -13.81
C ALA B 226 -40.83 -2.07 -15.03
N ALA B 227 -40.08 -3.17 -14.89
CA ALA B 227 -39.29 -3.73 -16.00
C ALA B 227 -40.02 -4.73 -16.89
N GLY B 228 -41.29 -4.97 -16.58
CA GLY B 228 -42.10 -5.96 -17.27
C GLY B 228 -41.92 -7.36 -16.74
N LEU B 229 -41.25 -7.50 -15.59
CA LEU B 229 -40.97 -8.82 -15.07
C LEU B 229 -41.98 -9.16 -13.98
N SER B 230 -42.42 -10.41 -13.95
CA SER B 230 -43.19 -10.86 -12.80
C SER B 230 -42.13 -11.18 -11.77
N VAL B 231 -42.46 -11.12 -10.49
CA VAL B 231 -41.44 -11.30 -9.47
C VAL B 231 -41.88 -12.25 -8.36
N GLU B 232 -40.96 -13.06 -7.85
CA GLU B 232 -41.23 -13.98 -6.73
C GLU B 232 -40.02 -13.84 -5.79
N PHE B 233 -40.28 -13.68 -4.49
CA PHE B 233 -39.25 -13.83 -3.44
C PHE B 233 -39.19 -15.24 -2.85
N MET B 234 -37.99 -15.83 -2.80
CA MET B 234 -37.77 -17.05 -2.04
C MET B 234 -36.82 -16.83 -0.84
N PRO B 235 -37.31 -17.06 0.39
CA PRO B 235 -36.50 -16.82 1.58
C PRO B 235 -35.38 -17.84 1.69
N GLY B 236 -34.36 -17.50 2.49
CA GLY B 236 -33.22 -18.37 2.74
C GLY B 236 -32.11 -18.06 1.75
N GLY B 237 -32.04 -18.83 0.68
CA GLY B 237 -31.15 -18.53 -0.44
C GLY B 237 -29.67 -18.68 -0.09
N PRO B 238 -28.79 -18.13 -0.93
CA PRO B 238 -27.34 -18.31 -0.76
C PRO B 238 -26.68 -17.71 0.49
N SER B 239 -27.22 -16.64 1.07
CA SER B 239 -26.59 -15.98 2.23
C SER B 239 -27.57 -15.71 3.38
N GLY B 240 -28.73 -16.38 3.42
CA GLY B 240 -29.80 -16.01 4.36
C GLY B 240 -30.60 -14.78 3.97
N ARG B 241 -30.29 -14.18 2.83
CA ARG B 241 -30.94 -12.96 2.38
C ARG B 241 -32.05 -13.28 1.37
N GLY B 242 -32.19 -14.55 1.01
CA GLY B 242 -33.18 -14.95 0.01
C GLY B 242 -32.80 -14.60 -1.42
N LEU B 243 -33.79 -14.68 -2.30
CA LEU B 243 -33.57 -14.64 -3.76
C LEU B 243 -34.83 -14.11 -4.41
N PHE B 244 -34.68 -13.13 -5.30
CA PHE B 244 -35.71 -12.70 -6.25
C PHE B 244 -35.52 -13.36 -7.65
N THR B 245 -36.61 -13.86 -8.24
CA THR B 245 -36.62 -14.42 -9.59
C THR B 245 -37.66 -13.61 -10.35
N GLY B 246 -37.38 -13.29 -11.61
CA GLY B 246 -38.31 -12.54 -12.44
C GLY B 246 -38.45 -13.18 -13.82
N LEU B 247 -39.67 -13.14 -14.37
CA LEU B 247 -39.95 -13.76 -15.67
C LEU B 247 -40.57 -12.72 -16.59
N PRO B 248 -40.13 -12.65 -17.85
CA PRO B 248 -40.59 -11.55 -18.72
C PRO B 248 -42.07 -11.63 -19.12
N GLY B 249 -42.57 -10.51 -19.64
CA GLY B 249 -43.91 -10.40 -20.23
C GLY B 249 -45.01 -10.87 -19.30
N GLY C 9 18.86 25.91 -13.61
CA GLY C 9 19.17 24.47 -13.85
C GLY C 9 18.88 23.67 -12.58
N PRO C 10 19.27 22.40 -12.56
CA PRO C 10 18.94 21.55 -11.42
C PRO C 10 19.68 21.92 -10.12
N GLN C 11 18.90 22.00 -9.05
CA GLN C 11 19.44 22.42 -7.77
C GLN C 11 20.26 21.27 -7.15
N ALA C 12 21.11 21.63 -6.19
CA ALA C 12 21.88 20.63 -5.43
C ALA C 12 21.97 21.02 -3.95
N ASP C 13 21.03 21.82 -3.45
CA ASP C 13 21.10 22.44 -2.15
C ASP C 13 19.87 22.16 -1.28
N TYR C 14 19.11 21.11 -1.60
CA TYR C 14 17.99 20.69 -0.76
C TYR C 14 17.14 21.88 -0.34
N SER C 15 16.58 22.57 -1.34
CA SER C 15 15.89 23.82 -1.11
C SER C 15 14.52 23.86 -1.79
N GLY C 16 13.67 24.78 -1.35
CA GLY C 16 12.45 25.06 -2.05
C GLY C 16 11.59 23.82 -2.10
N GLU C 17 11.01 23.57 -3.27
CA GLU C 17 10.01 22.55 -3.44
C GLU C 17 10.65 21.18 -3.21
N ILE C 18 11.93 21.03 -3.52
CA ILE C 18 12.60 19.73 -3.35
C ILE C 18 12.62 19.43 -1.87
N ALA C 19 12.97 20.43 -1.05
CA ALA C 19 12.93 20.22 0.40
C ALA C 19 11.55 19.80 0.94
N GLU C 20 10.50 20.40 0.38
CA GLU C 20 9.13 20.16 0.86
C GLU C 20 8.67 18.77 0.47
N LEU C 21 9.25 18.26 -0.61
CA LEU C 21 8.89 16.89 -1.09
C LEU C 21 9.65 15.77 -0.40
N TYR C 22 10.76 16.10 0.25
CA TYR C 22 11.77 15.15 0.67
C TYR C 22 11.10 14.06 1.54
N ASP C 23 10.35 14.50 2.54
CA ASP C 23 9.82 13.50 3.54
C ASP C 23 8.86 12.54 2.86
N LEU C 24 7.98 13.08 2.03
CA LEU C 24 7.00 12.25 1.34
C LEU C 24 7.69 11.21 0.42
N VAL C 25 8.70 11.62 -0.34
CA VAL C 25 9.31 10.70 -1.26
C VAL C 25 10.11 9.61 -0.56
N HIS C 26 10.79 9.95 0.52
CA HIS C 26 11.53 8.93 1.20
C HIS C 26 10.57 8.01 1.97
N GLN C 27 9.48 8.56 2.49
CA GLN C 27 8.37 7.75 3.06
C GLN C 27 7.88 6.74 2.01
N GLY C 28 7.57 7.26 0.83
CA GLY C 28 7.10 6.37 -0.24
C GLY C 28 8.09 5.31 -0.65
N LYS C 29 9.39 5.56 -0.49
CA LYS C 29 10.45 4.61 -0.86
C LYS C 29 10.64 3.55 0.23
N GLY C 30 9.89 3.71 1.32
CA GLY C 30 9.96 2.72 2.41
C GLY C 30 10.98 3.04 3.50
N LYS C 31 11.60 4.22 3.47
CA LYS C 31 12.52 4.55 4.56
C LYS C 31 11.79 4.72 5.89
N ASP C 32 12.24 3.96 6.89
CA ASP C 32 11.62 3.95 8.19
C ASP C 32 12.50 4.52 9.28
N TYR C 33 12.32 5.80 9.59
CA TYR C 33 13.20 6.48 10.51
C TYR C 33 13.01 6.05 11.96
N HIS C 34 11.81 5.57 12.31
CA HIS C 34 11.56 5.05 13.65
C HIS C 34 12.45 3.82 13.86
N ARG C 35 12.46 2.91 12.91
CA ARG C 35 13.34 1.73 12.99
C ARG C 35 14.82 2.09 13.00
N GLU C 36 15.19 3.02 12.12
CA GLU C 36 16.60 3.37 12.05
C GLU C 36 17.06 4.08 13.30
N ALA C 37 16.24 4.97 13.83
CA ALA C 37 16.53 5.64 15.07
C ALA C 37 16.67 4.67 16.23
N ALA C 38 15.76 3.72 16.31
CA ALA C 38 15.91 2.73 17.37
C ALA C 38 17.21 1.93 17.28
N ASP C 39 17.58 1.52 16.06
CA ASP C 39 18.81 0.80 15.78
C ASP C 39 20.04 1.67 16.12
N LEU C 40 19.94 2.94 15.75
CA LEU C 40 21.03 3.83 16.10
C LEU C 40 21.20 4.08 17.60
N ALA C 41 20.09 4.32 18.29
CA ALA C 41 20.04 4.46 19.73
C ALA C 41 20.62 3.21 20.40
N ALA C 42 20.25 2.04 19.88
CA ALA C 42 20.85 0.85 20.44
C ALA C 42 22.36 0.77 20.29
N LEU C 43 22.86 1.16 19.12
CA LEU C 43 24.28 1.19 18.90
C LEU C 43 24.98 2.15 19.86
N VAL C 44 24.39 3.33 20.03
CA VAL C 44 24.88 4.27 21.00
C VAL C 44 24.98 3.72 22.42
N ARG C 45 23.88 3.07 22.83
CA ARG C 45 23.75 2.48 24.16
C ARG C 45 24.73 1.36 24.44
N ARG C 46 25.04 0.55 23.43
CA ARG C 46 26.16 -0.39 23.50
C ARG C 46 27.51 0.20 23.82
N HIS C 47 27.79 1.29 23.12
CA HIS C 47 29.08 1.90 23.30
C HIS C 47 29.19 2.86 24.47
N SER C 48 28.11 3.57 24.75
CA SER C 48 28.09 4.57 25.80
C SER C 48 26.86 4.34 26.66
N PRO C 49 26.98 3.43 27.64
CA PRO C 49 25.82 2.95 28.37
C PRO C 49 25.14 3.94 29.31
N LYS C 50 25.74 5.11 29.53
CA LYS C 50 25.12 6.17 30.31
C LYS C 50 24.82 7.33 29.36
N ALA C 51 24.75 7.06 28.06
CA ALA C 51 24.43 8.13 27.10
C ALA C 51 23.18 8.91 27.43
N ALA C 52 23.27 10.25 27.30
CA ALA C 52 22.14 11.11 27.57
C ALA C 52 22.03 12.25 26.55
N SER C 53 22.97 12.29 25.60
CA SER C 53 22.92 13.38 24.60
C SER C 53 23.39 12.97 23.21
N LEU C 54 22.84 13.61 22.17
CA LEU C 54 23.11 13.25 20.79
C LEU C 54 23.07 14.50 19.90
N LEU C 55 24.06 14.54 19.02
CA LEU C 55 24.12 15.53 17.90
C LEU C 55 23.98 14.83 16.57
N ASP C 56 22.94 15.20 15.81
CA ASP C 56 22.70 14.65 14.48
C ASP C 56 23.14 15.75 13.49
N VAL C 57 24.21 15.41 12.81
CA VAL C 57 24.85 16.29 11.81
C VAL C 57 24.22 16.02 10.45
N ALA C 58 24.05 17.07 9.67
CA ALA C 58 23.25 16.99 8.45
C ALA C 58 21.87 16.34 8.75
N CYS C 59 21.17 16.93 9.71
CA CYS C 59 19.90 16.35 10.21
C CYS C 59 18.75 16.48 9.21
N GLY C 60 18.90 17.31 8.17
CA GLY C 60 17.88 17.40 7.19
C GLY C 60 16.59 17.92 7.78
N THR C 61 15.51 17.17 7.59
CA THR C 61 14.18 17.53 8.07
C THR C 61 13.90 16.98 9.48
N GLY C 62 14.88 16.34 10.09
CA GLY C 62 14.88 16.17 11.54
C GLY C 62 14.04 14.95 11.85
N MET C 63 13.89 14.09 10.87
CA MET C 63 13.17 12.82 11.15
C MET C 63 13.79 11.88 12.18
N HIS C 64 15.07 11.55 12.04
CA HIS C 64 15.76 10.76 13.06
C HIS C 64 15.66 11.42 14.44
N LEU C 65 15.97 12.71 14.52
CA LEU C 65 15.98 13.41 15.78
C LEU C 65 14.62 13.35 16.50
N ARG C 66 13.52 13.28 15.76
CA ARG C 66 12.20 13.30 16.34
C ARG C 66 12.05 11.99 17.11
N HIS C 67 12.60 10.94 16.57
CA HIS C 67 12.51 9.68 17.33
C HIS C 67 13.61 9.52 18.39
N LEU C 68 14.81 9.99 18.12
CA LEU C 68 15.92 9.90 19.04
C LEU C 68 15.70 10.65 20.36
N ALA C 69 14.89 11.72 20.30
CA ALA C 69 14.45 12.50 21.46
C ALA C 69 13.80 11.66 22.56
N ASP C 70 13.23 10.52 22.18
CA ASP C 70 12.66 9.62 23.18
C ASP C 70 13.69 8.76 23.91
N SER C 71 14.89 8.60 23.35
CA SER C 71 15.96 7.86 23.95
C SER C 71 16.99 8.70 24.70
N PHE C 72 17.15 9.96 24.33
CA PHE C 72 18.20 10.78 24.92
C PHE C 72 17.60 12.12 25.30
N GLY C 73 17.87 12.54 26.53
CA GLY C 73 17.24 13.69 27.10
C GLY C 73 17.63 14.98 26.44
N THR C 74 18.76 15.00 25.76
CA THR C 74 19.18 16.24 25.05
C THR C 74 19.55 15.81 23.60
N VAL C 75 18.77 16.22 22.60
CA VAL C 75 19.17 16.04 21.21
C VAL C 75 19.29 17.41 20.50
N GLU C 76 20.33 17.54 19.68
CA GLU C 76 20.53 18.73 18.88
C GLU C 76 20.84 18.31 17.43
N GLY C 77 20.75 19.25 16.49
CA GLY C 77 21.04 18.97 15.09
C GLY C 77 21.80 20.10 14.45
N LEU C 78 22.49 19.79 13.35
CA LEU C 78 23.26 20.74 12.52
C LEU C 78 22.80 20.47 11.08
N GLU C 79 22.48 21.52 10.33
CA GLU C 79 21.98 21.32 8.99
C GLU C 79 22.40 22.58 8.19
N LEU C 80 22.93 22.34 7.02
CA LEU C 80 23.40 23.47 6.14
C LEU C 80 22.30 24.19 5.39
N SER C 81 21.28 23.46 4.95
CA SER C 81 20.20 24.03 4.16
C SER C 81 19.12 24.67 5.03
N ALA C 82 18.88 25.97 4.84
CA ALA C 82 17.85 26.62 5.63
C ALA C 82 16.45 26.05 5.52
N ASP C 83 16.08 25.56 4.33
CA ASP C 83 14.73 25.17 4.04
C ASP C 83 14.56 23.78 4.68
N MET C 84 15.59 22.94 4.68
CA MET C 84 15.46 21.66 5.39
C MET C 84 15.34 21.92 6.88
N LEU C 85 16.21 22.77 7.39
CA LEU C 85 16.27 23.14 8.81
C LEU C 85 14.92 23.70 9.26
N ALA C 86 14.25 24.45 8.42
CA ALA C 86 12.97 24.98 8.87
C ALA C 86 11.97 23.85 9.16
N ILE C 87 12.05 22.81 8.32
CA ILE C 87 11.12 21.71 8.52
C ILE C 87 11.54 20.97 9.78
N ALA C 88 12.82 20.75 9.97
CA ALA C 88 13.31 20.08 11.17
C ALA C 88 12.93 20.81 12.45
N ARG C 89 12.92 22.15 12.40
CA ARG C 89 12.57 22.93 13.58
C ARG C 89 11.09 22.85 13.95
N ARG C 90 10.23 22.80 12.93
CA ARG C 90 8.79 22.64 13.12
CA ARG C 90 8.79 22.67 13.15
C ARG C 90 8.51 21.26 13.67
N ARG C 91 9.31 20.30 13.24
CA ARG C 91 9.09 18.91 13.68
C ARG C 91 9.61 18.69 15.09
N ASN C 92 10.62 19.44 15.48
CA ASN C 92 11.28 19.27 16.76
C ASN C 92 11.35 20.65 17.47
N PRO C 93 10.19 21.20 17.84
CA PRO C 93 10.14 22.55 18.41
C PRO C 93 10.87 22.68 19.74
N ASP C 94 10.98 21.59 20.51
CA ASP C 94 11.70 21.69 21.77
C ASP C 94 13.21 21.47 21.67
N ALA C 95 13.75 21.13 20.50
CA ALA C 95 15.18 20.88 20.37
C ALA C 95 15.92 22.11 19.85
N VAL C 96 17.19 22.21 20.21
CA VAL C 96 18.05 23.21 19.61
C VAL C 96 18.68 22.69 18.32
N LEU C 97 18.31 23.29 17.19
CA LEU C 97 18.93 22.95 15.93
C LEU C 97 19.71 24.14 15.39
N HIS C 98 20.85 23.80 14.82
CA HIS C 98 21.81 24.77 14.36
C HIS C 98 21.94 24.82 12.86
N HIS C 99 22.03 26.05 12.35
CA HIS C 99 22.32 26.28 10.95
C HIS C 99 23.81 26.33 10.81
N GLY C 100 24.35 25.46 9.97
CA GLY C 100 25.78 25.32 9.89
C GLY C 100 26.28 24.17 9.07
N ASP C 101 27.59 24.08 9.04
CA ASP C 101 28.36 23.31 8.07
C ASP C 101 29.18 22.26 8.82
N MET C 102 29.00 20.99 8.45
CA MET C 102 29.70 19.94 9.14
C MET C 102 31.23 19.99 9.03
N ARG C 103 31.78 20.79 8.11
CA ARG C 103 33.20 20.84 7.89
C ARG C 103 33.84 21.84 8.89
N ASP C 104 33.03 22.70 9.48
CA ASP C 104 33.56 23.79 10.34
C ASP C 104 32.42 24.36 11.14
N PHE C 105 32.15 23.77 12.28
CA PHE C 105 31.11 24.23 13.21
C PHE C 105 31.65 24.06 14.62
N SER C 106 31.08 24.82 15.55
CA SER C 106 31.57 24.82 16.90
C SER C 106 30.41 25.15 17.83
N LEU C 107 29.90 24.15 18.54
CA LEU C 107 28.75 24.33 19.42
C LEU C 107 29.11 24.59 20.89
N GLY C 108 30.36 24.40 21.31
CA GLY C 108 30.70 24.75 22.70
C GLY C 108 30.30 23.71 23.72
N ARG C 109 29.95 22.52 23.22
CA ARG C 109 29.61 21.43 24.11
C ARG C 109 29.84 20.13 23.38
N ARG C 110 29.80 19.05 24.15
CA ARG C 110 30.00 17.72 23.64
C ARG C 110 28.76 16.85 23.90
N PHE C 111 28.73 15.72 23.22
CA PHE C 111 27.56 14.83 23.21
C PHE C 111 28.00 13.39 23.33
N SER C 112 27.09 12.59 23.84
CA SER C 112 27.36 11.18 23.97
C SER C 112 27.53 10.52 22.61
N ALA C 113 26.84 11.04 21.60
CA ALA C 113 26.88 10.54 20.23
C ALA C 113 26.84 11.72 19.25
N VAL C 114 27.64 11.56 18.21
CA VAL C 114 27.59 12.43 17.06
C VAL C 114 27.35 11.52 15.87
N THR C 115 26.23 11.76 15.21
CA THR C 115 25.73 10.94 14.12
C THR C 115 25.60 11.69 12.77
N CYS C 116 25.74 11.00 11.66
CA CYS C 116 25.64 11.63 10.31
C CYS C 116 25.15 10.52 9.39
N MET C 117 23.87 10.63 9.09
CA MET C 117 23.08 9.54 8.52
C MET C 117 22.70 9.71 7.05
N PHE C 118 22.34 8.60 6.42
CA PHE C 118 21.83 8.59 5.05
C PHE C 118 22.86 9.18 4.00
N SER C 119 24.15 8.93 4.23
CA SER C 119 25.23 9.07 3.23
C SER C 119 25.37 10.57 3.05
N SER C 120 24.87 11.33 3.99
CA SER C 120 25.10 12.80 3.89
C SER C 120 26.56 13.16 3.82
N ILE C 121 27.43 12.33 4.36
CA ILE C 121 28.88 12.47 4.32
C ILE C 121 29.40 12.52 2.89
N GLY C 122 28.66 11.98 1.90
CA GLY C 122 29.02 11.88 0.52
C GLY C 122 28.98 13.28 -0.11
N HIS C 123 28.37 14.18 0.61
CA HIS C 123 28.26 15.58 0.11
C HIS C 123 29.54 16.35 0.34
N LEU C 124 30.49 15.71 0.98
CA LEU C 124 31.85 16.22 1.11
C LEU C 124 32.67 15.85 -0.11
N ALA C 125 33.33 16.87 -0.67
CA ALA C 125 33.87 16.71 -2.02
C ALA C 125 35.12 15.87 -2.16
N GLY C 126 35.96 15.78 -1.13
CA GLY C 126 37.21 15.05 -1.17
C GLY C 126 37.80 14.84 0.21
N GLN C 127 39.05 14.36 0.28
CA GLN C 127 39.69 13.94 1.54
C GLN C 127 39.85 15.04 2.57
N ALA C 128 40.25 16.22 2.11
CA ALA C 128 40.43 17.27 3.07
C ALA C 128 39.14 17.61 3.81
N GLU C 129 38.03 17.65 3.08
CA GLU C 129 36.74 18.00 3.64
C GLU C 129 36.26 16.84 4.54
N LEU C 130 36.55 15.61 4.13
CA LEU C 130 36.12 14.45 4.96
C LEU C 130 36.91 14.46 6.28
N ASP C 131 38.23 14.59 6.20
CA ASP C 131 39.07 14.80 7.39
C ASP C 131 38.57 15.91 8.30
N ALA C 132 38.23 17.08 7.75
CA ALA C 132 37.76 18.17 8.56
C ALA C 132 36.47 17.90 9.33
N ALA C 133 35.54 17.24 8.64
CA ALA C 133 34.27 16.87 9.25
C ALA C 133 34.58 15.92 10.38
N LEU C 134 35.39 14.88 10.18
CA LEU C 134 35.58 13.90 11.22
C LEU C 134 36.22 14.57 12.43
N GLU C 135 37.08 15.57 12.20
CA GLU C 135 37.69 16.24 13.34
C GLU C 135 36.66 17.05 14.11
N ARG C 136 35.68 17.62 13.41
CA ARG C 136 34.63 18.38 14.04
C ARG C 136 33.78 17.40 14.86
N PHE C 137 33.60 16.20 14.34
CA PHE C 137 32.76 15.25 15.08
C PHE C 137 33.47 14.83 16.38
N ALA C 138 34.76 14.57 16.27
CA ALA C 138 35.56 14.10 17.40
C ALA C 138 35.67 15.22 18.44
N ALA C 139 35.63 16.46 17.97
CA ALA C 139 35.57 17.62 18.83
C ALA C 139 34.27 17.87 19.58
N HIS C 140 33.22 17.12 19.21
CA HIS C 140 31.91 17.29 19.80
C HIS C 140 31.44 16.00 20.50
N VAL C 141 32.33 15.05 20.59
CA VAL C 141 31.95 13.77 21.23
C VAL C 141 32.56 13.66 22.62
N LEU C 142 31.85 13.04 23.54
CA LEU C 142 32.38 12.74 24.88
C LEU C 142 33.37 11.58 24.90
N PRO C 143 34.26 11.54 25.92
CA PRO C 143 35.35 10.57 25.81
C PRO C 143 34.85 9.13 25.93
N ASP C 144 33.67 8.95 26.51
CA ASP C 144 33.03 7.65 26.56
C ASP C 144 32.05 7.40 25.40
N GLY C 145 31.99 8.36 24.48
CA GLY C 145 30.94 8.40 23.46
C GLY C 145 31.32 7.74 22.14
N VAL C 146 30.45 7.90 21.14
CA VAL C 146 30.64 7.31 19.83
C VAL C 146 30.23 8.23 18.66
N VAL C 147 31.02 8.15 17.60
CA VAL C 147 30.77 8.88 16.36
C VAL C 147 30.23 7.84 15.40
N VAL C 148 29.10 8.13 14.77
CA VAL C 148 28.52 7.18 13.80
C VAL C 148 28.32 7.91 12.46
N VAL C 149 28.86 7.33 11.41
CA VAL C 149 28.68 7.82 10.06
C VAL C 149 28.22 6.73 9.09
N GLU C 150 27.12 7.02 8.42
CA GLU C 150 26.58 6.13 7.40
C GLU C 150 27.22 6.54 6.08
N PRO C 151 28.13 5.75 5.54
CA PRO C 151 28.85 6.16 4.33
C PRO C 151 27.97 6.12 3.10
N TRP C 152 28.42 6.73 2.00
CA TRP C 152 27.85 6.44 0.70
C TRP C 152 28.43 5.08 0.26
N TRP C 153 28.00 4.60 -0.90
CA TRP C 153 28.62 3.40 -1.49
C TRP C 153 30.14 3.51 -1.69
N PHE C 154 30.86 2.41 -1.46
CA PHE C 154 32.26 2.26 -1.91
C PHE C 154 32.31 2.13 -3.44
N PRO C 155 33.39 2.58 -4.09
CA PRO C 155 33.46 2.50 -5.55
C PRO C 155 33.16 1.08 -6.08
N GLU C 156 33.69 0.08 -5.38
CA GLU C 156 33.48 -1.31 -5.76
C GLU C 156 32.02 -1.74 -5.69
N ASN C 157 31.16 -1.03 -4.98
CA ASN C 157 29.80 -1.48 -4.78
C ASN C 157 28.81 -0.60 -5.57
N PHE C 158 29.36 0.43 -6.19
CA PHE C 158 28.57 1.32 -6.99
C PHE C 158 28.06 0.73 -8.29
N THR C 159 26.82 1.04 -8.66
CA THR C 159 26.14 0.47 -9.82
C THR C 159 25.82 1.55 -10.84
N PRO C 160 26.75 1.86 -11.75
CA PRO C 160 26.47 2.89 -12.75
C PRO C 160 25.31 2.44 -13.62
N GLY C 161 24.47 3.40 -14.00
CA GLY C 161 23.27 3.19 -14.83
C GLY C 161 22.01 2.80 -14.04
N TYR C 162 22.13 2.77 -12.71
CA TYR C 162 20.99 2.44 -11.84
C TYR C 162 19.86 3.47 -11.96
N VAL C 163 18.66 2.94 -12.11
CA VAL C 163 17.46 3.74 -12.17
C VAL C 163 16.53 3.36 -11.02
N ALA C 164 16.03 4.34 -10.28
CA ALA C 164 15.01 4.12 -9.21
C ALA C 164 13.80 4.94 -9.60
N ALA C 165 12.60 4.38 -9.45
CA ALA C 165 11.40 5.12 -9.82
C ALA C 165 10.31 4.74 -8.85
N GLY C 166 9.59 5.74 -8.37
CA GLY C 166 8.64 5.49 -7.30
C GLY C 166 7.58 6.54 -7.28
N THR C 167 6.36 6.12 -6.98
CA THR C 167 5.25 7.05 -6.92
C THR C 167 4.54 6.97 -5.57
N VAL C 168 4.19 8.13 -4.99
CA VAL C 168 3.46 8.16 -3.72
C VAL C 168 2.34 9.19 -3.84
N GLU C 169 1.28 8.99 -3.05
CA GLU C 169 0.17 9.94 -2.99
C GLU C 169 -0.14 10.27 -1.54
N ALA C 170 -0.39 11.54 -1.31
CA ALA C 170 -0.73 12.00 0.03
C ALA C 170 -1.63 13.19 -0.09
N GLY C 171 -2.79 13.13 0.56
CA GLY C 171 -3.58 14.31 0.81
C GLY C 171 -4.19 14.86 -0.44
N GLY C 172 -4.27 14.06 -1.49
CA GLY C 172 -4.70 14.51 -2.79
C GLY C 172 -3.58 15.09 -3.65
N THR C 173 -2.32 14.80 -3.31
CA THR C 173 -1.18 15.21 -4.13
C THR C 173 -0.45 13.94 -4.55
N THR C 174 -0.10 13.85 -5.82
CA THR C 174 0.66 12.70 -6.32
C THR C 174 2.08 13.09 -6.69
N VAL C 175 3.09 12.37 -6.19
CA VAL C 175 4.48 12.68 -6.48
C VAL C 175 5.17 11.44 -7.04
N THR C 176 5.80 11.62 -8.19
CA THR C 176 6.68 10.63 -8.79
CA THR C 176 6.68 10.62 -8.77
C THR C 176 8.11 11.14 -8.76
N ARG C 177 9.02 10.25 -8.36
CA ARG C 177 10.43 10.53 -8.33
C ARG C 177 11.16 9.49 -9.17
N VAL C 178 12.06 9.92 -10.07
CA VAL C 178 12.91 8.99 -10.82
C VAL C 178 14.33 9.53 -10.75
N SER C 179 15.26 8.63 -10.42
CA SER C 179 16.69 8.95 -10.35
C SER C 179 17.46 8.12 -11.39
N HIS C 180 18.56 8.70 -11.88
CA HIS C 180 19.53 7.99 -12.69
C HIS C 180 20.92 8.31 -12.14
N SER C 181 21.76 7.29 -12.04
CA SER C 181 23.09 7.44 -11.48
C SER C 181 24.17 6.95 -12.43
N SER C 182 25.21 7.78 -12.57
CA SER C 182 26.35 7.41 -13.38
C SER C 182 27.62 7.77 -12.60
N ARG C 183 28.76 7.30 -13.12
CA ARG C 183 30.07 7.60 -12.55
C ARG C 183 30.57 8.89 -13.19
N GLU C 184 31.01 9.82 -12.34
CA GLU C 184 31.62 11.10 -12.79
C GLU C 184 32.87 11.29 -11.95
N GLY C 185 34.02 10.90 -12.49
CA GLY C 185 35.29 10.96 -11.74
C GLY C 185 35.22 10.11 -10.49
N GLU C 186 35.45 10.69 -9.32
CA GLU C 186 35.45 9.89 -8.10
C GLU C 186 34.09 10.02 -7.34
N ALA C 187 33.02 10.31 -8.07
CA ALA C 187 31.69 10.52 -7.46
C ALA C 187 30.63 9.80 -8.29
N THR C 188 29.48 9.61 -7.65
CA THR C 188 28.23 9.38 -8.32
C THR C 188 27.61 10.71 -8.77
N ARG C 189 27.26 10.79 -10.05
CA ARG C 189 26.31 11.76 -10.52
C ARG C 189 24.90 11.20 -10.53
N ILE C 190 24.08 11.69 -9.60
CA ILE C 190 22.69 11.25 -9.50
C ILE C 190 21.80 12.42 -9.88
N GLU C 191 21.02 12.20 -10.93
CA GLU C 191 20.07 13.17 -11.44
C GLU C 191 18.67 12.66 -11.06
N VAL C 192 17.84 13.54 -10.52
CA VAL C 192 16.56 13.14 -9.93
C VAL C 192 15.51 14.08 -10.48
N HIS C 193 14.52 13.50 -11.15
CA HIS C 193 13.37 14.24 -11.57
C HIS C 193 12.11 13.90 -10.79
N TYR C 194 11.26 14.90 -10.61
CA TYR C 194 9.96 14.78 -9.98
C TYR C 194 8.81 15.30 -10.82
N LEU C 195 7.67 14.60 -10.80
CA LEU C 195 6.39 15.18 -11.21
C LEU C 195 5.44 15.23 -10.03
N VAL C 196 4.91 16.42 -9.79
CA VAL C 196 4.00 16.70 -8.69
C VAL C 196 2.64 17.08 -9.27
N ALA C 197 1.59 16.35 -8.89
CA ALA C 197 0.28 16.64 -9.47
C ALA C 197 -0.80 16.66 -8.40
N GLY C 198 -1.83 17.44 -8.65
CA GLY C 198 -3.03 17.39 -7.79
C GLY C 198 -4.16 18.06 -8.53
N PRO C 199 -5.39 17.92 -8.02
CA PRO C 199 -6.55 18.35 -8.77
C PRO C 199 -6.53 19.83 -9.09
N ASP C 200 -6.17 20.62 -8.09
CA ASP C 200 -6.14 22.05 -8.30
C ASP C 200 -4.75 22.54 -8.68
N ARG C 201 -3.69 21.99 -8.10
CA ARG C 201 -2.36 22.48 -8.49
C ARG C 201 -1.96 22.25 -9.94
N GLY C 202 -2.49 21.21 -10.56
CA GLY C 202 -2.06 20.81 -11.88
C GLY C 202 -0.78 20.02 -11.77
N ILE C 203 0.05 20.03 -12.80
CA ILE C 203 1.27 19.25 -12.79
C ILE C 203 2.44 20.21 -12.81
N THR C 204 3.42 19.97 -11.92
CA THR C 204 4.69 20.66 -12.00
C THR C 204 5.87 19.71 -12.02
N HIS C 205 6.95 20.16 -12.66
CA HIS C 205 8.17 19.37 -12.85
C HIS C 205 9.32 19.95 -12.06
N HIS C 206 10.11 19.10 -11.39
CA HIS C 206 11.20 19.60 -10.55
C HIS C 206 12.40 18.69 -10.75
N GLU C 207 13.60 19.23 -10.56
CA GLU C 207 14.77 18.39 -10.66
C GLU C 207 15.92 18.78 -9.75
N GLU C 208 16.72 17.78 -9.42
CA GLU C 208 17.96 18.05 -8.69
C GLU C 208 19.03 17.22 -9.33
N SER C 209 20.28 17.59 -9.05
CA SER C 209 21.42 16.88 -9.53
C SER C 209 22.55 17.05 -8.56
N HIS C 210 23.06 15.90 -8.13
CA HIS C 210 24.09 15.79 -7.11
C HIS C 210 25.31 15.01 -7.53
N ARG C 211 26.44 15.45 -6.99
CA ARG C 211 27.66 14.66 -6.89
C ARG C 211 27.78 14.13 -5.48
N ILE C 212 27.82 12.80 -5.35
CA ILE C 212 27.97 12.16 -4.07
C ILE C 212 29.26 11.34 -4.14
N THR C 213 30.24 11.68 -3.32
CA THR C 213 31.60 11.17 -3.47
C THR C 213 31.72 9.72 -3.12
N LEU C 214 32.40 8.98 -3.98
CA LEU C 214 32.62 7.55 -3.79
C LEU C 214 33.92 7.34 -3.02
N PHE C 215 33.87 7.63 -1.72
CA PHE C 215 35.06 7.54 -0.89
C PHE C 215 35.29 6.06 -0.71
N THR C 216 36.54 5.62 -0.68
CA THR C 216 36.80 4.20 -0.43
C THR C 216 36.67 3.95 1.04
N ARG C 217 36.53 2.70 1.44
CA ARG C 217 36.58 2.36 2.86
C ARG C 217 37.80 2.96 3.57
N GLU C 218 38.94 2.87 2.90
CA GLU C 218 40.21 3.22 3.48
CA GLU C 218 40.20 3.24 3.53
C GLU C 218 40.22 4.75 3.70
N GLN C 219 39.54 5.46 2.81
CA GLN C 219 39.48 6.91 2.98
C GLN C 219 38.67 7.35 4.19
N TYR C 220 37.53 6.69 4.41
CA TYR C 220 36.77 6.94 5.63
C TYR C 220 37.61 6.59 6.86
N GLU C 221 38.27 5.42 6.81
CA GLU C 221 39.05 4.93 7.95
C GLU C 221 40.16 5.93 8.29
N ARG C 222 40.80 6.44 7.25
CA ARG C 222 41.84 7.46 7.41
C ARG C 222 41.31 8.76 8.03
N ALA C 223 40.09 9.16 7.69
CA ALA C 223 39.52 10.34 8.28
C ALA C 223 39.23 10.15 9.77
N PHE C 224 38.70 8.98 10.13
CA PHE C 224 38.46 8.77 11.56
C PHE C 224 39.77 8.75 12.34
N THR C 225 40.72 7.97 11.82
CA THR C 225 42.03 7.79 12.46
C THR C 225 42.69 9.15 12.65
N ALA C 226 42.62 9.99 11.62
CA ALA C 226 43.23 11.31 11.76
C ALA C 226 42.51 12.17 12.80
N ALA C 227 41.25 11.85 13.12
CA ALA C 227 40.52 12.59 14.17
C ALA C 227 40.69 12.00 15.58
N GLY C 228 41.52 10.97 15.70
CA GLY C 228 41.84 10.37 16.99
C GLY C 228 40.86 9.29 17.40
N LEU C 229 40.04 8.85 16.45
CA LEU C 229 38.97 7.87 16.76
C LEU C 229 39.38 6.50 16.27
N SER C 230 39.15 5.45 17.05
CA SER C 230 39.31 4.12 16.51
C SER C 230 38.04 3.82 15.74
N VAL C 231 38.19 3.16 14.61
CA VAL C 231 37.12 3.02 13.66
C VAL C 231 36.83 1.57 13.39
N GLU C 232 35.55 1.27 13.22
CA GLU C 232 35.09 -0.05 12.78
C GLU C 232 34.00 0.11 11.73
N PHE C 233 33.97 -0.79 10.76
CA PHE C 233 32.87 -0.84 9.78
C PHE C 233 31.96 -2.02 10.10
N MET C 234 30.65 -1.77 10.17
CA MET C 234 29.63 -2.81 10.40
C MET C 234 28.87 -2.85 9.06
N PRO C 235 28.96 -3.95 8.33
CA PRO C 235 28.30 -3.90 7.04
C PRO C 235 26.80 -4.15 7.16
N GLY C 236 26.08 -3.84 6.10
CA GLY C 236 24.67 -4.09 6.00
C GLY C 236 23.79 -2.90 6.35
N GLY C 237 22.91 -3.14 7.31
CA GLY C 237 21.78 -2.26 7.57
C GLY C 237 20.68 -2.53 6.56
N PRO C 238 19.58 -1.75 6.64
CA PRO C 238 18.52 -1.82 5.63
C PRO C 238 19.02 -1.31 4.29
N SER C 239 19.99 -0.41 4.34
CA SER C 239 20.47 0.43 3.25
C SER C 239 21.52 -0.32 2.42
N GLY C 240 22.10 -1.38 2.96
CA GLY C 240 23.15 -2.12 2.28
C GLY C 240 24.50 -1.42 2.32
N ARG C 241 24.54 -0.22 2.89
CA ARG C 241 25.73 0.63 2.81
C ARG C 241 26.61 0.55 4.06
N GLY C 242 26.08 -0.06 5.12
CA GLY C 242 26.76 -0.21 6.39
C GLY C 242 26.83 1.09 7.21
N LEU C 243 27.68 1.03 8.24
CA LEU C 243 27.90 2.12 9.18
C LEU C 243 29.32 2.06 9.67
N PHE C 244 29.96 3.22 9.79
CA PHE C 244 31.17 3.34 10.56
C PHE C 244 30.91 3.84 11.98
N THR C 245 31.66 3.29 12.94
CA THR C 245 31.71 3.79 14.28
C THR C 245 33.13 4.22 14.64
N GLY C 246 33.20 5.30 15.39
CA GLY C 246 34.45 5.75 15.99
C GLY C 246 34.37 6.05 17.47
N LEU C 247 35.33 5.53 18.21
CA LEU C 247 35.50 5.81 19.62
C LEU C 247 36.74 6.68 19.93
N PRO C 248 36.55 7.72 20.73
CA PRO C 248 37.75 8.49 21.07
C PRO C 248 38.79 7.78 21.93
N GLY C 249 40.02 8.27 21.87
CA GLY C 249 40.94 8.23 23.00
C GLY C 249 41.26 6.81 23.41
N PRO D 10 4.70 22.68 -24.67
CA PRO D 10 4.22 21.32 -24.93
C PRO D 10 3.62 21.10 -26.33
N GLN D 11 4.04 20.03 -27.00
CA GLN D 11 3.47 19.69 -28.29
C GLN D 11 2.01 19.18 -28.20
N ALA D 12 1.32 19.22 -29.33
CA ALA D 12 -0.10 18.82 -29.46
C ALA D 12 -0.26 17.99 -30.72
N ASP D 13 0.85 17.37 -31.14
CA ASP D 13 0.90 16.77 -32.45
C ASP D 13 1.53 15.38 -32.50
N TYR D 14 1.61 14.64 -31.39
CA TYR D 14 1.99 13.22 -31.42
C TYR D 14 3.24 12.98 -32.29
N SER D 15 4.32 13.63 -31.88
CA SER D 15 5.54 13.64 -32.64
C SER D 15 6.73 13.35 -31.74
N GLY D 16 7.85 13.08 -32.41
CA GLY D 16 9.15 12.98 -31.76
C GLY D 16 9.09 11.93 -30.70
N GLU D 17 9.66 12.26 -29.54
CA GLU D 17 9.75 11.31 -28.46
C GLU D 17 8.40 10.88 -27.88
N ILE D 18 7.43 11.80 -27.87
CA ILE D 18 6.06 11.51 -27.45
C ILE D 18 5.47 10.34 -28.25
N ALA D 19 5.65 10.40 -29.57
CA ALA D 19 5.15 9.31 -30.44
C ALA D 19 5.84 7.97 -30.14
N GLU D 20 7.14 8.04 -29.84
CA GLU D 20 7.96 6.88 -29.54
C GLU D 20 7.62 6.28 -28.19
N LEU D 21 7.12 7.08 -27.24
CA LEU D 21 6.68 6.53 -25.94
C LEU D 21 5.27 5.96 -25.89
N TYR D 22 4.49 6.25 -26.92
CA TYR D 22 3.06 6.04 -26.92
C TYR D 22 2.71 4.60 -26.58
N ASP D 23 3.35 3.69 -27.30
CA ASP D 23 2.94 2.28 -27.18
C ASP D 23 3.27 1.75 -25.79
N LEU D 24 4.45 2.11 -25.30
CA LEU D 24 4.87 1.63 -23.98
C LEU D 24 3.94 2.12 -22.85
N VAL D 25 3.56 3.39 -22.89
CA VAL D 25 2.72 3.92 -21.86
C VAL D 25 1.30 3.36 -21.89
N HIS D 26 0.73 3.16 -23.07
CA HIS D 26 -0.63 2.72 -23.12
C HIS D 26 -0.65 1.24 -22.76
N GLN D 27 0.44 0.54 -23.05
CA GLN D 27 0.49 -0.89 -22.66
C GLN D 27 0.59 -1.00 -21.14
N GLY D 28 1.49 -0.20 -20.58
CA GLY D 28 1.58 -0.13 -19.12
C GLY D 28 0.31 0.26 -18.39
N LYS D 29 -0.53 1.09 -19.02
CA LYS D 29 -1.84 1.43 -18.47
C LYS D 29 -2.86 0.29 -18.59
N GLY D 30 -2.47 -0.83 -19.19
CA GLY D 30 -3.37 -1.99 -19.36
C GLY D 30 -4.18 -2.03 -20.66
N LYS D 31 -3.92 -1.13 -21.60
CA LYS D 31 -4.67 -1.12 -22.87
C LYS D 31 -4.41 -2.37 -23.72
N ASP D 32 -5.42 -3.19 -23.96
CA ASP D 32 -5.19 -4.49 -24.58
C ASP D 32 -5.78 -4.48 -25.98
N TYR D 33 -4.93 -4.16 -26.95
CA TYR D 33 -5.37 -3.95 -28.31
C TYR D 33 -5.74 -5.24 -28.98
N HIS D 34 -5.17 -6.36 -28.50
CA HIS D 34 -5.55 -7.66 -29.07
C HIS D 34 -7.01 -7.95 -28.68
N ARG D 35 -7.38 -7.72 -27.44
CA ARG D 35 -8.77 -7.86 -26.97
C ARG D 35 -9.67 -6.85 -27.70
N GLU D 36 -9.26 -5.59 -27.81
CA GLU D 36 -10.13 -4.64 -28.47
C GLU D 36 -10.37 -5.01 -29.95
N ALA D 37 -9.33 -5.46 -30.63
CA ALA D 37 -9.38 -5.86 -32.02
C ALA D 37 -10.32 -7.07 -32.17
N ALA D 38 -10.22 -8.04 -31.27
CA ALA D 38 -11.17 -9.18 -31.32
C ALA D 38 -12.63 -8.72 -31.16
N ASP D 39 -12.87 -7.82 -30.21
CA ASP D 39 -14.21 -7.28 -29.95
C ASP D 39 -14.67 -6.44 -31.14
N LEU D 40 -13.76 -5.67 -31.74
CA LEU D 40 -14.16 -4.90 -32.92
C LEU D 40 -14.50 -5.78 -34.12
N ALA D 41 -13.75 -6.87 -34.28
CA ALA D 41 -13.96 -7.76 -35.42
C ALA D 41 -15.33 -8.42 -35.24
N ALA D 42 -15.61 -8.84 -34.01
CA ALA D 42 -16.87 -9.51 -33.69
C ALA D 42 -18.03 -8.53 -33.86
N LEU D 43 -17.85 -7.29 -33.41
CA LEU D 43 -18.86 -6.25 -33.68
C LEU D 43 -19.14 -6.05 -35.17
N VAL D 44 -18.11 -5.92 -35.98
CA VAL D 44 -18.27 -5.75 -37.41
C VAL D 44 -19.00 -6.95 -38.01
N ARG D 45 -18.69 -8.15 -37.55
CA ARG D 45 -19.29 -9.34 -38.18
C ARG D 45 -20.77 -9.49 -37.80
N ARG D 46 -21.18 -8.83 -36.73
CA ARG D 46 -22.61 -8.60 -36.50
C ARG D 46 -23.32 -7.96 -37.71
N HIS D 47 -22.60 -7.25 -38.59
CA HIS D 47 -23.16 -6.50 -39.74
C HIS D 47 -22.65 -6.87 -41.15
N SER D 48 -21.41 -7.30 -41.26
CA SER D 48 -20.81 -7.66 -42.52
C SER D 48 -20.00 -8.93 -42.22
N PRO D 49 -20.64 -10.11 -42.22
CA PRO D 49 -19.95 -11.39 -41.90
C PRO D 49 -18.63 -11.67 -42.60
N LYS D 50 -18.62 -11.36 -43.90
CA LYS D 50 -17.46 -11.23 -44.81
C LYS D 50 -16.08 -10.78 -44.32
N ALA D 51 -16.08 -9.65 -43.61
CA ALA D 51 -14.88 -9.07 -43.05
C ALA D 51 -13.88 -8.77 -44.17
N ALA D 52 -14.41 -8.34 -45.30
CA ALA D 52 -13.56 -8.17 -46.43
C ALA D 52 -12.48 -7.19 -46.01
N SER D 53 -12.91 -6.04 -45.48
CA SER D 53 -11.96 -4.95 -45.38
C SER D 53 -12.33 -3.95 -44.29
N LEU D 54 -11.29 -3.29 -43.80
CA LEU D 54 -11.39 -2.32 -42.71
C LEU D 54 -10.42 -1.17 -42.92
N LEU D 55 -10.93 0.06 -42.66
CA LEU D 55 -10.11 1.28 -42.61
C LEU D 55 -10.12 1.80 -41.19
N ASP D 56 -8.93 1.98 -40.63
CA ASP D 56 -8.78 2.56 -39.28
C ASP D 56 -8.23 3.98 -39.46
N VAL D 57 -9.14 4.89 -39.17
CA VAL D 57 -8.89 6.34 -39.23
C VAL D 57 -8.30 6.81 -37.91
N ALA D 58 -7.29 7.67 -38.01
CA ALA D 58 -6.47 8.08 -36.87
C ALA D 58 -5.83 6.86 -36.23
N CYS D 59 -5.20 6.07 -37.09
CA CYS D 59 -4.69 4.76 -36.67
C CYS D 59 -3.49 4.87 -35.77
N GLY D 60 -2.82 6.05 -35.72
CA GLY D 60 -1.78 6.17 -34.72
C GLY D 60 -0.59 5.31 -35.05
N THR D 61 -0.18 4.51 -34.06
CA THR D 61 0.96 3.61 -34.25
C THR D 61 0.54 2.24 -34.82
N GLY D 62 -0.72 2.09 -35.19
CA GLY D 62 -1.13 0.91 -35.96
C GLY D 62 -1.31 -0.33 -35.11
N MET D 63 -1.53 -0.14 -33.82
CA MET D 63 -1.68 -1.32 -32.92
C MET D 63 -2.96 -2.09 -33.19
N HIS D 64 -4.09 -1.39 -33.32
CA HIS D 64 -5.32 -2.09 -33.69
C HIS D 64 -5.11 -2.79 -35.05
N LEU D 65 -4.59 -2.07 -36.05
CA LEU D 65 -4.42 -2.63 -37.39
C LEU D 65 -3.59 -3.94 -37.38
N ARG D 66 -2.58 -3.99 -36.52
CA ARG D 66 -1.69 -5.15 -36.47
C ARG D 66 -2.53 -6.35 -36.09
N HIS D 67 -3.49 -6.17 -35.20
CA HIS D 67 -4.31 -7.31 -34.75
C HIS D 67 -5.50 -7.57 -35.65
N LEU D 68 -6.07 -6.53 -36.23
CA LEU D 68 -7.23 -6.67 -37.08
C LEU D 68 -6.83 -7.34 -38.42
N ALA D 69 -5.57 -7.22 -38.83
CA ALA D 69 -5.08 -7.79 -40.06
C ALA D 69 -5.36 -9.30 -40.09
N ASP D 70 -5.33 -9.93 -38.93
CA ASP D 70 -5.61 -11.37 -38.80
C ASP D 70 -7.08 -11.71 -38.94
N SER D 71 -7.96 -10.72 -39.04
CA SER D 71 -9.40 -10.96 -39.09
C SER D 71 -10.08 -10.48 -40.36
N PHE D 72 -9.41 -9.65 -41.15
CA PHE D 72 -9.98 -9.09 -42.36
C PHE D 72 -9.09 -9.38 -43.56
N GLY D 73 -9.72 -9.47 -44.74
CA GLY D 73 -9.06 -9.56 -46.04
C GLY D 73 -7.99 -8.49 -46.21
N THR D 74 -8.41 -7.25 -46.05
CA THR D 74 -7.54 -6.09 -46.27
C THR D 74 -7.76 -5.08 -45.13
N VAL D 75 -6.68 -4.59 -44.52
CA VAL D 75 -6.79 -3.45 -43.58
C VAL D 75 -5.94 -2.28 -44.07
N GLU D 76 -6.48 -1.08 -43.99
CA GLU D 76 -5.76 0.14 -44.34
C GLU D 76 -5.94 1.16 -43.21
N GLY D 77 -5.11 2.20 -43.21
CA GLY D 77 -5.15 3.15 -42.10
C GLY D 77 -4.98 4.54 -42.67
N LEU D 78 -5.45 5.52 -41.92
CA LEU D 78 -5.23 6.95 -42.26
C LEU D 78 -4.73 7.64 -40.99
N GLU D 79 -3.68 8.45 -41.08
CA GLU D 79 -3.10 9.02 -39.86
C GLU D 79 -2.51 10.38 -40.24
N LEU D 80 -2.72 11.38 -39.39
CA LEU D 80 -2.25 12.75 -39.71
C LEU D 80 -0.78 13.01 -39.35
N SER D 81 -0.34 12.39 -38.27
CA SER D 81 1.02 12.60 -37.75
C SER D 81 2.02 11.70 -38.44
N ALA D 82 2.99 12.31 -39.10
CA ALA D 82 4.02 11.56 -39.79
C ALA D 82 4.78 10.63 -38.85
N ASP D 83 5.07 11.08 -37.64
CA ASP D 83 5.87 10.31 -36.70
C ASP D 83 5.08 9.09 -36.17
N MET D 84 3.77 9.25 -36.02
CA MET D 84 2.95 8.11 -35.58
C MET D 84 2.93 7.11 -36.73
N LEU D 85 2.69 7.62 -37.93
CA LEU D 85 2.50 6.80 -39.14
C LEU D 85 3.76 5.99 -39.43
N ALA D 86 4.93 6.58 -39.16
CA ALA D 86 6.20 5.86 -39.33
C ALA D 86 6.23 4.60 -38.50
N ILE D 87 5.75 4.69 -37.25
CA ILE D 87 5.78 3.56 -36.32
C ILE D 87 4.75 2.55 -36.82
N ALA D 88 3.61 3.06 -37.30
CA ALA D 88 2.54 2.18 -37.81
C ALA D 88 3.02 1.40 -39.05
N ARG D 89 3.78 2.07 -39.93
CA ARG D 89 4.33 1.40 -41.11
C ARG D 89 5.33 0.28 -40.79
N ARG D 90 6.18 0.50 -39.77
CA ARG D 90 7.18 -0.45 -39.30
C ARG D 90 6.47 -1.67 -38.73
N ARG D 91 5.33 -1.43 -38.07
CA ARG D 91 4.60 -2.47 -37.37
C ARG D 91 3.77 -3.29 -38.36
N ASN D 92 3.27 -2.63 -39.39
CA ASN D 92 2.41 -3.20 -40.43
C ASN D 92 3.09 -2.99 -41.81
N PRO D 93 4.27 -3.61 -42.01
CA PRO D 93 4.99 -3.35 -43.26
C PRO D 93 4.23 -3.77 -44.53
N ASP D 94 3.22 -4.64 -44.43
CA ASP D 94 2.45 -5.09 -45.59
C ASP D 94 1.10 -4.41 -45.78
N ALA D 95 0.74 -3.47 -44.91
CA ALA D 95 -0.53 -2.77 -45.03
C ALA D 95 -0.31 -1.45 -45.76
N VAL D 96 -1.38 -1.00 -46.43
CA VAL D 96 -1.42 0.34 -47.02
C VAL D 96 -1.86 1.34 -45.96
N LEU D 97 -0.98 2.27 -45.64
CA LEU D 97 -1.25 3.26 -44.62
C LEU D 97 -1.07 4.64 -45.25
N HIS D 98 -2.08 5.48 -45.07
CA HIS D 98 -2.14 6.76 -45.77
C HIS D 98 -1.87 7.93 -44.84
N HIS D 99 -1.17 8.94 -45.34
CA HIS D 99 -0.90 10.15 -44.57
C HIS D 99 -1.96 11.14 -44.95
N GLY D 100 -2.73 11.60 -43.96
CA GLY D 100 -3.82 12.51 -44.24
C GLY D 100 -4.74 12.70 -43.05
N ASP D 101 -5.85 13.34 -43.35
CA ASP D 101 -6.65 14.07 -42.40
C ASP D 101 -8.07 13.59 -42.51
N MET D 102 -8.62 13.14 -41.38
CA MET D 102 -9.97 12.58 -41.35
C MET D 102 -11.09 13.53 -41.74
N ARG D 103 -10.81 14.85 -41.76
CA ARG D 103 -11.80 15.84 -42.15
C ARG D 103 -11.99 15.95 -43.67
N ASP D 104 -10.99 15.50 -44.42
CA ASP D 104 -10.92 15.71 -45.86
C ASP D 104 -9.92 14.76 -46.49
N PHE D 105 -10.41 13.59 -46.91
CA PHE D 105 -9.58 12.55 -47.54
C PHE D 105 -10.47 11.77 -48.51
N SER D 106 -9.81 11.17 -49.49
CA SER D 106 -10.46 10.35 -50.50
C SER D 106 -9.49 9.24 -50.91
N LEU D 107 -9.88 8.00 -50.66
CA LEU D 107 -9.01 6.88 -50.96
C LEU D 107 -9.42 6.16 -52.27
N GLY D 108 -10.63 6.41 -52.81
CA GLY D 108 -11.05 5.87 -54.10
C GLY D 108 -11.63 4.47 -54.02
N ARG D 109 -11.89 4.05 -52.78
CA ARG D 109 -12.56 2.78 -52.48
C ARG D 109 -13.30 2.81 -51.15
N ARG D 110 -13.99 1.70 -50.85
CA ARG D 110 -14.73 1.60 -49.62
C ARG D 110 -14.36 0.31 -48.91
N PHE D 111 -14.91 0.17 -47.71
CA PHE D 111 -14.45 -0.84 -46.76
C PHE D 111 -15.64 -1.42 -46.03
N SER D 112 -15.53 -2.67 -45.59
CA SER D 112 -16.59 -3.15 -44.76
C SER D 112 -16.84 -2.38 -43.46
N ALA D 113 -15.76 -1.81 -42.91
CA ALA D 113 -15.82 -1.15 -41.61
C ALA D 113 -14.88 0.02 -41.73
N VAL D 114 -15.36 1.10 -41.17
CA VAL D 114 -14.51 2.26 -40.96
C VAL D 114 -14.51 2.53 -39.46
N THR D 115 -13.33 2.55 -38.83
CA THR D 115 -13.19 2.64 -37.38
C THR D 115 -12.40 3.89 -37.00
N CYS D 116 -12.70 4.47 -35.83
CA CYS D 116 -11.95 5.63 -35.31
C CYS D 116 -11.97 5.53 -33.80
N MET D 117 -10.85 5.02 -33.29
CA MET D 117 -10.75 4.54 -31.92
C MET D 117 -9.99 5.48 -30.95
N PHE D 118 -10.26 5.20 -29.66
CA PHE D 118 -9.56 5.75 -28.51
C PHE D 118 -9.77 7.27 -28.46
N SER D 119 -10.95 7.70 -28.88
CA SER D 119 -11.43 9.07 -28.70
C SER D 119 -10.65 10.05 -29.58
N SER D 120 -10.03 9.54 -30.63
CA SER D 120 -9.28 10.40 -31.61
C SER D 120 -10.20 11.47 -32.18
N ILE D 121 -11.47 11.13 -32.31
CA ILE D 121 -12.53 12.03 -32.82
C ILE D 121 -12.63 13.31 -32.02
N GLY D 122 -12.15 13.30 -30.77
CA GLY D 122 -12.17 14.43 -29.85
C GLY D 122 -11.16 15.45 -30.33
N HIS D 123 -10.26 15.07 -31.20
CA HIS D 123 -9.29 16.04 -31.76
C HIS D 123 -9.91 16.98 -32.76
N LEU D 124 -11.15 16.75 -33.12
CA LEU D 124 -11.91 17.68 -33.97
C LEU D 124 -12.52 18.80 -33.12
N ALA D 125 -12.66 19.98 -33.71
CA ALA D 125 -12.83 21.21 -32.92
C ALA D 125 -14.22 21.69 -32.54
N GLY D 126 -15.21 21.38 -33.39
CA GLY D 126 -16.63 21.66 -33.22
C GLY D 126 -17.51 20.88 -34.20
N GLN D 127 -18.80 21.23 -34.31
CA GLN D 127 -19.78 20.48 -35.12
C GLN D 127 -19.46 20.34 -36.58
N ALA D 128 -18.97 21.41 -37.21
CA ALA D 128 -18.71 21.33 -38.63
C ALA D 128 -17.64 20.28 -38.94
N GLU D 129 -16.58 20.25 -38.14
CA GLU D 129 -15.46 19.35 -38.35
C GLU D 129 -15.96 17.93 -38.04
N LEU D 130 -16.74 17.80 -36.98
CA LEU D 130 -17.30 16.46 -36.63
C LEU D 130 -18.23 15.94 -37.75
N ASP D 131 -19.18 16.77 -38.20
CA ASP D 131 -19.96 16.43 -39.41
C ASP D 131 -19.12 16.02 -40.63
N ALA D 132 -18.06 16.75 -40.90
CA ALA D 132 -17.28 16.51 -42.08
C ALA D 132 -16.58 15.16 -41.99
N ALA D 133 -16.07 14.83 -40.81
CA ALA D 133 -15.41 13.54 -40.58
C ALA D 133 -16.40 12.40 -40.80
N LEU D 134 -17.57 12.53 -40.21
CA LEU D 134 -18.60 11.47 -40.35
C LEU D 134 -19.03 11.33 -41.80
N GLU D 135 -19.08 12.46 -42.54
CA GLU D 135 -19.39 12.38 -43.97
C GLU D 135 -18.33 11.59 -44.72
N ARG D 136 -17.06 11.83 -44.40
CA ARG D 136 -15.96 11.11 -45.00
C ARG D 136 -15.99 9.63 -44.59
N PHE D 137 -16.38 9.32 -43.36
CA PHE D 137 -16.47 7.91 -42.95
C PHE D 137 -17.56 7.19 -43.76
N ALA D 138 -18.75 7.78 -43.85
CA ALA D 138 -19.87 7.26 -44.65
C ALA D 138 -19.51 7.05 -46.12
N ALA D 139 -18.74 7.98 -46.67
CA ALA D 139 -18.25 7.87 -48.02
C ALA D 139 -17.30 6.72 -48.30
N HIS D 140 -16.67 6.19 -47.25
CA HIS D 140 -15.72 5.13 -47.43
C HIS D 140 -16.28 3.81 -46.91
N VAL D 141 -17.54 3.78 -46.53
CA VAL D 141 -18.09 2.50 -46.04
C VAL D 141 -19.00 1.88 -47.11
N LEU D 142 -18.92 0.56 -47.19
CA LEU D 142 -19.79 -0.19 -48.09
C LEU D 142 -21.24 -0.20 -47.59
N PRO D 143 -22.21 -0.42 -48.51
CA PRO D 143 -23.63 -0.29 -48.12
C PRO D 143 -24.05 -1.30 -47.05
N ASP D 144 -23.31 -2.37 -46.94
CA ASP D 144 -23.67 -3.37 -45.93
C ASP D 144 -22.61 -3.37 -44.81
N GLY D 145 -21.86 -2.28 -44.74
CA GLY D 145 -20.82 -2.15 -43.72
C GLY D 145 -21.22 -1.36 -42.47
N VAL D 146 -20.23 -1.01 -41.66
CA VAL D 146 -20.47 -0.35 -40.37
C VAL D 146 -19.36 0.68 -40.08
N VAL D 147 -19.77 1.85 -39.59
CA VAL D 147 -18.88 2.86 -39.00
C VAL D 147 -18.86 2.74 -37.48
N VAL D 148 -17.66 2.73 -36.90
CA VAL D 148 -17.48 2.61 -35.47
C VAL D 148 -16.61 3.78 -35.02
N VAL D 149 -17.17 4.59 -34.12
CA VAL D 149 -16.46 5.73 -33.52
C VAL D 149 -16.50 5.64 -31.99
N GLU D 150 -15.30 5.67 -31.41
CA GLU D 150 -15.15 5.69 -29.96
C GLU D 150 -15.09 7.15 -29.55
N PRO D 151 -16.16 7.66 -28.93
CA PRO D 151 -16.20 9.08 -28.58
C PRO D 151 -15.23 9.42 -27.45
N TRP D 152 -14.88 10.69 -27.28
CA TRP D 152 -14.42 11.17 -26.00
C TRP D 152 -15.61 11.23 -25.01
N TRP D 153 -15.32 11.62 -23.77
CA TRP D 153 -16.34 11.83 -22.73
C TRP D 153 -17.41 12.84 -23.13
N PHE D 154 -18.65 12.60 -22.73
CA PHE D 154 -19.71 13.59 -22.81
C PHE D 154 -19.50 14.58 -21.65
N PRO D 155 -19.88 15.86 -21.83
CA PRO D 155 -19.72 16.84 -20.75
C PRO D 155 -20.24 16.38 -19.39
N GLU D 156 -21.41 15.76 -19.38
CA GLU D 156 -21.94 15.28 -18.10
C GLU D 156 -21.09 14.22 -17.42
N ASN D 157 -20.20 13.53 -18.13
CA ASN D 157 -19.42 12.44 -17.49
C ASN D 157 -17.97 12.87 -17.31
N PHE D 158 -17.62 14.07 -17.76
CA PHE D 158 -16.27 14.54 -17.57
C PHE D 158 -15.93 14.84 -16.11
N THR D 159 -14.72 14.46 -15.69
CA THR D 159 -14.31 14.62 -14.30
C THR D 159 -13.15 15.59 -14.21
N PRO D 160 -13.47 16.85 -13.93
CA PRO D 160 -12.40 17.86 -13.88
C PRO D 160 -11.46 17.62 -12.69
N GLY D 161 -10.18 17.97 -12.82
CA GLY D 161 -9.18 17.69 -11.80
C GLY D 161 -8.58 16.28 -11.72
N TYR D 162 -8.94 15.44 -12.68
CA TYR D 162 -8.53 14.02 -12.71
C TYR D 162 -7.02 13.98 -12.93
N VAL D 163 -6.32 13.21 -12.11
CA VAL D 163 -4.91 13.01 -12.22
C VAL D 163 -4.71 11.53 -12.48
N ALA D 164 -3.93 11.21 -13.49
CA ALA D 164 -3.54 9.81 -13.77
C ALA D 164 -2.03 9.73 -13.67
N ALA D 165 -1.53 8.66 -13.06
CA ALA D 165 -0.11 8.46 -12.92
C ALA D 165 0.13 6.97 -13.09
N GLY D 166 1.08 6.65 -13.95
CA GLY D 166 1.49 5.26 -14.13
C GLY D 166 2.95 5.16 -14.54
N THR D 167 3.59 4.07 -14.11
CA THR D 167 4.96 3.83 -14.48
C THR D 167 5.05 2.43 -15.03
N VAL D 168 5.90 2.27 -16.03
CA VAL D 168 6.10 0.97 -16.65
C VAL D 168 7.58 0.85 -16.99
N GLU D 169 8.06 -0.39 -16.97
CA GLU D 169 9.44 -0.63 -17.36
C GLU D 169 9.47 -1.73 -18.42
N ALA D 170 10.22 -1.52 -19.49
CA ALA D 170 10.46 -2.57 -20.50
C ALA D 170 11.83 -2.43 -21.13
N GLY D 171 12.50 -3.55 -21.32
CA GLY D 171 13.84 -3.54 -21.92
C GLY D 171 14.83 -2.66 -21.17
N GLY D 172 14.65 -2.55 -19.85
CA GLY D 172 15.51 -1.73 -18.97
C GLY D 172 15.21 -0.25 -18.88
N THR D 173 14.27 0.24 -19.69
CA THR D 173 13.80 1.63 -19.71
C THR D 173 12.51 1.81 -18.91
N THR D 174 12.50 2.74 -17.97
CA THR D 174 11.36 3.01 -17.10
C THR D 174 10.76 4.28 -17.66
N VAL D 175 9.44 4.28 -17.82
CA VAL D 175 8.71 5.47 -18.27
C VAL D 175 7.54 5.71 -17.34
N THR D 176 7.50 6.91 -16.80
CA THR D 176 6.41 7.39 -15.96
C THR D 176 5.67 8.46 -16.74
N ARG D 177 4.35 8.34 -16.75
CA ARG D 177 3.46 9.29 -17.37
C ARG D 177 2.43 9.77 -16.34
N VAL D 178 2.26 11.09 -16.25
CA VAL D 178 1.27 11.69 -15.38
C VAL D 178 0.48 12.71 -16.18
N SER D 179 -0.83 12.60 -16.11
CA SER D 179 -1.76 13.55 -16.71
C SER D 179 -2.65 14.26 -15.68
N HIS D 180 -2.96 15.51 -16.06
CA HIS D 180 -3.92 16.35 -15.39
C HIS D 180 -4.94 16.94 -16.36
N SER D 181 -6.22 16.89 -15.98
CA SER D 181 -7.32 17.27 -16.84
C SER D 181 -8.19 18.33 -16.18
N SER D 182 -8.49 19.38 -16.93
CA SER D 182 -9.36 20.42 -16.46
C SER D 182 -10.35 20.80 -17.58
N ARG D 183 -11.40 21.57 -17.27
CA ARG D 183 -12.40 22.02 -18.23
C ARG D 183 -11.90 23.31 -18.87
N GLU D 184 -11.88 23.39 -20.19
CA GLU D 184 -11.48 24.60 -20.93
C GLU D 184 -12.55 24.86 -21.95
N GLY D 185 -13.62 25.57 -21.56
CA GLY D 185 -14.71 25.82 -22.51
C GLY D 185 -15.47 24.52 -22.75
N GLU D 186 -15.75 24.16 -24.00
CA GLU D 186 -16.44 22.88 -24.27
C GLU D 186 -15.43 21.76 -24.60
N ALA D 187 -14.29 21.78 -23.91
CA ALA D 187 -13.20 20.82 -24.09
C ALA D 187 -12.55 20.50 -22.76
N THR D 188 -11.91 19.33 -22.75
CA THR D 188 -10.90 19.01 -21.79
C THR D 188 -9.52 19.53 -22.23
N ARG D 189 -8.85 20.19 -21.30
CA ARG D 189 -7.42 20.40 -21.36
C ARG D 189 -6.70 19.33 -20.54
N ILE D 190 -5.98 18.48 -21.26
CA ILE D 190 -5.18 17.43 -20.66
C ILE D 190 -3.69 17.67 -20.92
N GLU D 191 -2.99 17.92 -19.82
CA GLU D 191 -1.58 18.18 -19.81
C GLU D 191 -0.95 16.87 -19.37
N VAL D 192 0.07 16.40 -20.05
CA VAL D 192 0.70 15.12 -19.76
C VAL D 192 2.21 15.32 -19.67
N HIS D 193 2.83 14.91 -18.58
CA HIS D 193 4.28 14.90 -18.48
C HIS D 193 4.85 13.49 -18.41
N TYR D 194 6.08 13.36 -18.89
CA TYR D 194 6.77 12.07 -18.88
C TYR D 194 8.18 12.16 -18.29
N LEU D 195 8.57 11.12 -17.57
CA LEU D 195 9.98 10.94 -17.22
C LEU D 195 10.35 9.60 -17.80
N VAL D 196 11.43 9.62 -18.55
CA VAL D 196 11.97 8.45 -19.24
C VAL D 196 13.38 8.29 -18.75
N ALA D 197 13.67 7.09 -18.25
CA ALA D 197 15.03 6.80 -17.80
C ALA D 197 15.49 5.39 -18.19
N GLY D 198 16.73 5.27 -18.64
CA GLY D 198 17.38 3.98 -18.95
C GLY D 198 18.85 4.02 -18.57
N PRO D 199 19.49 2.86 -18.43
CA PRO D 199 20.84 2.84 -17.87
C PRO D 199 21.84 3.66 -18.70
N ASP D 200 21.77 3.58 -20.02
CA ASP D 200 22.76 4.30 -20.81
C ASP D 200 22.18 5.62 -21.30
N ARG D 201 20.89 5.66 -21.61
CA ARG D 201 20.27 6.91 -22.07
C ARG D 201 20.13 8.00 -21.01
N GLY D 202 20.09 7.62 -19.74
CA GLY D 202 19.92 8.57 -18.67
C GLY D 202 18.46 8.98 -18.60
N ILE D 203 18.23 10.13 -17.98
CA ILE D 203 16.89 10.60 -17.67
C ILE D 203 16.51 11.85 -18.45
N THR D 204 15.33 11.80 -19.06
CA THR D 204 14.77 12.97 -19.78
C THR D 204 13.31 13.19 -19.40
N HIS D 205 12.90 14.43 -19.51
CA HIS D 205 11.54 14.88 -19.26
C HIS D 205 10.89 15.32 -20.57
N HIS D 206 9.61 15.00 -20.74
CA HIS D 206 8.85 15.37 -21.97
C HIS D 206 7.43 15.77 -21.56
N GLU D 207 6.81 16.58 -22.41
CA GLU D 207 5.44 17.02 -22.16
C GLU D 207 4.62 17.21 -23.43
N GLU D 208 3.30 17.04 -23.27
CA GLU D 208 2.33 17.36 -24.29
C GLU D 208 1.11 17.98 -23.61
N SER D 209 0.30 18.63 -24.45
CA SER D 209 -0.91 19.28 -24.02
C SER D 209 -1.93 19.30 -25.14
N HIS D 210 -3.13 18.85 -24.81
CA HIS D 210 -4.22 18.70 -25.76
C HIS D 210 -5.52 19.28 -25.25
N ARG D 211 -6.28 19.82 -26.20
CA ARG D 211 -7.70 20.16 -26.05
C ARG D 211 -8.50 19.07 -26.76
N ILE D 212 -9.26 18.28 -26.00
CA ILE D 212 -10.10 17.22 -26.53
C ILE D 212 -11.56 17.63 -26.31
N THR D 213 -12.29 17.76 -27.41
CA THR D 213 -13.61 18.37 -27.40
C THR D 213 -14.61 17.47 -26.66
N LEU D 214 -15.40 18.09 -25.83
CA LEU D 214 -16.50 17.45 -25.12
C LEU D 214 -17.79 17.59 -25.89
N PHE D 215 -17.88 16.86 -26.99
CA PHE D 215 -19.11 16.77 -27.76
C PHE D 215 -20.17 16.08 -26.94
N THR D 216 -21.41 16.58 -27.02
CA THR D 216 -22.53 15.85 -26.42
C THR D 216 -22.89 14.61 -27.20
N ARG D 217 -23.65 13.72 -26.59
CA ARG D 217 -24.13 12.57 -27.33
C ARG D 217 -24.94 13.01 -28.54
N GLU D 218 -25.83 14.00 -28.35
CA GLU D 218 -26.68 14.45 -29.45
C GLU D 218 -25.83 15.07 -30.56
N GLN D 219 -24.69 15.69 -30.22
CA GLN D 219 -23.81 16.13 -31.30
C GLN D 219 -23.20 15.04 -32.14
N TYR D 220 -22.78 13.95 -31.49
CA TYR D 220 -22.32 12.81 -32.25
C TYR D 220 -23.45 12.21 -33.10
N GLU D 221 -24.64 12.14 -32.51
CA GLU D 221 -25.82 11.61 -33.19
C GLU D 221 -26.16 12.43 -34.44
N ARG D 222 -26.11 13.75 -34.31
CA ARG D 222 -26.34 14.70 -35.38
C ARG D 222 -25.37 14.52 -36.55
N ALA D 223 -24.09 14.31 -36.24
CA ALA D 223 -23.08 14.06 -37.25
C ALA D 223 -23.31 12.73 -37.99
N PHE D 224 -23.63 11.62 -37.29
CA PHE D 224 -23.91 10.38 -38.00
C PHE D 224 -25.13 10.53 -38.92
N THR D 225 -26.19 11.12 -38.38
CA THR D 225 -27.45 11.31 -39.11
C THR D 225 -27.23 12.16 -40.35
N ALA D 226 -26.46 13.23 -40.23
CA ALA D 226 -26.19 14.07 -41.39
C ALA D 226 -25.41 13.37 -42.51
N ALA D 227 -24.66 12.33 -42.17
CA ALA D 227 -23.92 11.56 -43.15
C ALA D 227 -24.74 10.36 -43.64
N GLY D 228 -26.00 10.27 -43.22
CA GLY D 228 -26.86 9.22 -43.72
C GLY D 228 -26.73 7.89 -42.98
N LEU D 229 -26.15 7.91 -41.79
CA LEU D 229 -26.00 6.67 -41.01
C LEU D 229 -27.01 6.60 -39.90
N SER D 230 -27.57 5.41 -39.65
CA SER D 230 -28.38 5.24 -38.47
C SER D 230 -27.44 4.92 -37.32
N VAL D 231 -27.71 5.46 -36.14
CA VAL D 231 -26.71 5.49 -35.09
C VAL D 231 -27.24 4.82 -33.84
N GLU D 232 -26.35 4.13 -33.14
CA GLU D 232 -26.64 3.56 -31.85
C GLU D 232 -25.40 3.76 -30.95
N PHE D 233 -25.68 4.09 -29.69
CA PHE D 233 -24.67 4.17 -28.65
C PHE D 233 -24.65 2.97 -27.72
N MET D 234 -23.49 2.35 -27.59
CA MET D 234 -23.27 1.27 -26.60
C MET D 234 -22.41 1.84 -25.47
N PRO D 235 -22.93 1.91 -24.24
CA PRO D 235 -22.11 2.40 -23.12
C PRO D 235 -20.98 1.45 -22.79
N GLY D 236 -20.00 1.92 -22.04
CA GLY D 236 -18.89 1.09 -21.59
C GLY D 236 -17.75 1.12 -22.58
N GLY D 237 -17.57 0.02 -23.29
CA GLY D 237 -16.66 0.00 -24.46
C GLY D 237 -15.23 -0.02 -23.97
N PRO D 238 -14.26 0.13 -24.90
CA PRO D 238 -12.87 -0.08 -24.57
C PRO D 238 -12.32 0.83 -23.50
N SER D 239 -12.87 2.05 -23.39
CA SER D 239 -12.30 3.07 -22.49
C SER D 239 -13.25 3.68 -21.43
N GLY D 240 -14.46 3.14 -21.30
CA GLY D 240 -15.45 3.67 -20.38
C GLY D 240 -16.33 4.74 -21.00
N ARG D 241 -16.06 5.06 -22.26
CA ARG D 241 -16.73 6.17 -22.97
C ARG D 241 -17.75 5.69 -24.00
N GLY D 242 -17.95 4.37 -24.01
CA GLY D 242 -18.79 3.78 -25.03
C GLY D 242 -18.27 3.71 -26.46
N LEU D 243 -19.19 3.42 -27.37
CA LEU D 243 -18.94 3.23 -28.78
C LEU D 243 -20.23 3.62 -29.52
N PHE D 244 -20.08 4.44 -30.56
CA PHE D 244 -21.14 4.63 -31.56
C PHE D 244 -20.91 3.73 -32.79
N THR D 245 -22.01 3.12 -33.27
CA THR D 245 -22.05 2.44 -34.53
C THR D 245 -23.00 3.17 -35.47
N GLY D 246 -22.62 3.20 -36.73
CA GLY D 246 -23.42 3.83 -37.80
C GLY D 246 -23.61 2.86 -38.96
N LEU D 247 -24.84 2.71 -39.45
CA LEU D 247 -25.09 1.82 -40.61
C LEU D 247 -25.70 2.63 -41.74
N PRO D 248 -25.17 2.48 -42.96
CA PRO D 248 -25.68 3.34 -44.04
C PRO D 248 -27.12 3.00 -44.42
N GLY D 249 -27.79 3.94 -45.09
CA GLY D 249 -29.20 3.79 -45.49
C GLY D 249 -30.01 5.01 -45.05
#